data_7UPP
#
_entry.id   7UPP
#
_cell.length_a   59.470
_cell.length_b   68.050
_cell.length_c   98.990
_cell.angle_alpha   106.461
_cell.angle_beta   108.516
_cell.angle_gamma   93.086
#
_symmetry.space_group_name_H-M   'P 1'
#
loop_
_entity.id
_entity.type
_entity.pdbx_description
1 polymer 'DHT03 protein A'
2 polymer 'DHT03 protein B'
3 polymer 'DHT03 protein C'
#
loop_
_entity_poly.entity_id
_entity_poly.type
_entity_poly.pdbx_seq_one_letter_code
_entity_poly.pdbx_strand_id
1 'polypeptide(L)'
;SEKEKVEELAQRIREQLPDTELAREAQELADEARKSDDSEALKVVYLALRIVQQLPDTELAREALELAKEAVKSTDSEAL
KVVELALKIVQQLPDTELAKEALKLAKEAVKSTDSEALKVVELALEIVQQLPDTELAKEALELAEEAVKSTDSEALKVVK
LALEIVQQLPDTELAREALELAKEAVKSTDSEALKVVYLALRIVQQLPDTELARLALELAKKAVEMTAQEVLEIARAALK
AAQAFPNTELAELMLRLAEVAARVMKELERNDEEIKKSDELDDESLLEDIVELLKEIIKLWKILVEVSDVMLKLIS
;
A
2 'polypeptide(L)'
;SEKEKVEELAQRIREQLPDTELAREAQELADEARKSDDSEALKVVYLALRIVQQLPDTELAREALELAKEAVKSTDSEAL
KVVELALKIVQQLPDTELAKEALELAKEAVKSTDSEALKVVELALEIVQQLPDTELAKEALKLAKEAVKSTDSEALKVVY
LALRIVQQLPDTELAREALELAKEAVKSTDSEQLEVVRLALEIVQLAPDTRLARAALKLAKEAVKSTDQEELKKVKAILR
VASEVLKLEEEAKKSQEEVERLKQEVEKASKAGLDHEGDSRIFKKIHDVVTKQIKVILRLIAVYAELVAIIG
;
B
3 'polypeptide(L)' GSKQKEAIKVYLELLEVHSRVLKALIEQIKLFIELIMEPDEDLADKVRKSSEELKKIIKEVEKILRKVDDILEKVKS C
#
# COMPACT_ATOMS: atom_id res chain seq x y z
N SER A 1 44.77 -25.97 -26.62
CA SER A 1 44.78 -26.11 -25.16
C SER A 1 43.55 -26.88 -24.68
N GLU A 2 42.47 -26.15 -24.40
CA GLU A 2 41.25 -26.80 -23.95
C GLU A 2 40.58 -27.57 -25.09
N LYS A 3 40.66 -27.04 -26.31
CA LYS A 3 40.14 -27.76 -27.47
C LYS A 3 40.85 -29.09 -27.63
N GLU A 4 42.14 -29.15 -27.32
CA GLU A 4 42.87 -30.41 -27.40
C GLU A 4 42.30 -31.44 -26.45
N LYS A 5 42.03 -31.03 -25.20
CA LYS A 5 41.44 -31.95 -24.22
C LYS A 5 40.08 -32.43 -24.69
N VAL A 6 39.25 -31.50 -25.18
CA VAL A 6 37.90 -31.86 -25.61
C VAL A 6 37.94 -32.85 -26.76
N GLU A 7 38.78 -32.58 -27.76
CA GLU A 7 38.84 -33.44 -28.93
C GLU A 7 39.43 -34.81 -28.59
N GLU A 8 40.42 -34.84 -27.67
CA GLU A 8 40.97 -36.12 -27.26
C GLU A 8 39.93 -36.96 -26.52
N LEU A 9 39.18 -36.34 -25.60
CA LEU A 9 38.09 -37.06 -24.94
C LEU A 9 37.08 -37.54 -25.95
N ALA A 10 36.78 -36.74 -26.98
CA ALA A 10 35.81 -37.13 -27.99
C ALA A 10 36.28 -38.36 -28.75
N GLN A 11 37.55 -38.35 -29.17
CA GLN A 11 38.07 -39.50 -29.92
C GLN A 11 38.14 -40.74 -29.02
N ARG A 12 38.47 -40.56 -27.75
N ARG A 12 38.48 -40.56 -27.75
CA ARG A 12 38.51 -41.70 -26.83
CA ARG A 12 38.51 -41.70 -26.83
C ARG A 12 37.12 -42.29 -26.63
C ARG A 12 37.12 -42.29 -26.64
N ILE A 13 36.11 -41.43 -26.52
CA ILE A 13 34.74 -41.92 -26.38
C ILE A 13 34.29 -42.61 -27.66
N ARG A 14 34.68 -42.06 -28.82
CA ARG A 14 34.40 -42.75 -30.08
C ARG A 14 35.01 -44.14 -30.10
N GLU A 15 36.23 -44.28 -29.60
CA GLU A 15 36.86 -45.60 -29.56
C GLU A 15 36.20 -46.50 -28.52
N GLN A 16 35.60 -45.92 -27.47
CA GLN A 16 35.02 -46.75 -26.41
C GLN A 16 33.67 -47.35 -26.80
N LEU A 17 32.78 -46.55 -27.40
CA LEU A 17 31.43 -47.02 -27.72
C LEU A 17 31.04 -46.58 -29.13
N PRO A 18 31.31 -47.42 -30.13
CA PRO A 18 30.89 -47.10 -31.50
C PRO A 18 29.43 -47.49 -31.76
N ASP A 19 28.84 -46.80 -32.74
CA ASP A 19 27.48 -47.07 -33.22
C ASP A 19 26.45 -46.97 -32.10
N THR A 20 26.53 -45.88 -31.33
CA THR A 20 25.55 -45.58 -30.31
C THR A 20 25.02 -44.17 -30.51
N GLU A 21 23.82 -43.91 -30.00
CA GLU A 21 23.29 -42.56 -29.99
C GLU A 21 24.19 -41.62 -29.21
N LEU A 22 24.74 -42.11 -28.10
CA LEU A 22 25.63 -41.28 -27.29
C LEU A 22 26.90 -40.94 -28.05
N ALA A 23 27.40 -41.86 -28.88
CA ALA A 23 28.59 -41.58 -29.67
C ALA A 23 28.34 -40.45 -30.66
N ARG A 24 27.21 -40.52 -31.37
CA ARG A 24 26.88 -39.47 -32.34
C ARG A 24 26.68 -38.14 -31.64
N GLU A 25 25.97 -38.14 -30.49
CA GLU A 25 25.74 -36.90 -29.77
C GLU A 25 27.06 -36.31 -29.26
N ALA A 26 27.95 -37.15 -28.75
CA ALA A 26 29.24 -36.67 -28.27
C ALA A 26 30.08 -36.11 -29.41
N GLN A 27 30.07 -36.77 -30.56
CA GLN A 27 30.84 -36.27 -31.70
C GLN A 27 30.28 -34.94 -32.20
N GLU A 28 28.95 -34.81 -32.24
CA GLU A 28 28.36 -33.55 -32.67
C GLU A 28 28.67 -32.43 -31.68
N LEU A 29 28.59 -32.72 -30.37
CA LEU A 29 28.92 -31.72 -29.37
C LEU A 29 30.39 -31.32 -29.47
N ALA A 30 31.28 -32.29 -29.71
CA ALA A 30 32.69 -31.98 -29.86
C ALA A 30 32.94 -31.11 -31.08
N ASP A 31 32.29 -31.41 -32.20
CA ASP A 31 32.47 -30.58 -33.39
C ASP A 31 31.98 -29.15 -33.15
N GLU A 32 30.80 -29.01 -32.53
CA GLU A 32 30.26 -27.69 -32.28
C GLU A 32 31.11 -26.91 -31.29
N ALA A 33 31.71 -27.60 -30.31
CA ALA A 33 32.61 -26.93 -29.39
C ALA A 33 33.93 -26.57 -30.05
N ARG A 34 34.41 -27.41 -30.97
CA ARG A 34 35.63 -27.11 -31.71
C ARG A 34 35.44 -25.88 -32.59
N LYS A 35 34.26 -25.72 -33.18
CA LYS A 35 33.99 -24.51 -33.96
C LYS A 35 33.97 -23.28 -33.07
N SER A 36 33.52 -23.43 -31.83
CA SER A 36 33.46 -22.31 -30.90
C SER A 36 34.83 -22.03 -30.30
N ASP A 37 35.13 -20.76 -30.09
CA ASP A 37 36.40 -20.34 -29.49
C ASP A 37 36.25 -19.91 -28.04
N ASP A 38 35.04 -19.95 -27.49
CA ASP A 38 34.83 -19.58 -26.10
C ASP A 38 35.45 -20.61 -25.17
N SER A 39 36.11 -20.13 -24.12
CA SER A 39 36.77 -21.05 -23.18
C SER A 39 35.77 -21.73 -22.27
N GLU A 40 34.74 -21.01 -21.82
CA GLU A 40 33.78 -21.58 -20.88
C GLU A 40 32.93 -22.67 -21.54
N ALA A 41 32.50 -22.44 -22.79
CA ALA A 41 31.79 -23.48 -23.51
C ALA A 41 32.64 -24.72 -23.69
N LEU A 42 33.94 -24.53 -23.96
CA LEU A 42 34.85 -25.65 -24.07
C LEU A 42 34.97 -26.41 -22.76
N LYS A 43 35.02 -25.69 -21.63
CA LYS A 43 35.11 -26.36 -20.34
C LYS A 43 33.84 -27.14 -20.03
N VAL A 44 32.68 -26.58 -20.39
CA VAL A 44 31.41 -27.27 -20.17
C VAL A 44 31.33 -28.55 -21.01
N VAL A 45 31.74 -28.45 -22.28
CA VAL A 45 31.75 -29.63 -23.14
C VAL A 45 32.74 -30.67 -22.63
N TYR A 46 33.88 -30.21 -22.09
CA TYR A 46 34.85 -31.11 -21.50
C TYR A 46 34.24 -31.87 -20.32
N LEU A 47 33.55 -31.16 -19.44
CA LEU A 47 32.91 -31.81 -18.31
C LEU A 47 31.85 -32.81 -18.77
N ALA A 48 31.06 -32.43 -19.78
CA ALA A 48 30.02 -33.33 -20.29
C ALA A 48 30.63 -34.60 -20.86
N LEU A 49 31.70 -34.46 -21.67
CA LEU A 49 32.32 -35.63 -22.27
C LEU A 49 33.02 -36.49 -21.23
N ARG A 50 33.61 -35.87 -20.19
CA ARG A 50 34.21 -36.65 -19.12
C ARG A 50 33.15 -37.42 -18.33
N ILE A 51 31.97 -36.81 -18.15
CA ILE A 51 30.87 -37.54 -17.51
C ILE A 51 30.42 -38.71 -18.37
N VAL A 52 30.33 -38.50 -19.68
CA VAL A 52 29.96 -39.59 -20.58
C VAL A 52 30.98 -40.71 -20.49
N GLN A 53 32.27 -40.36 -20.39
CA GLN A 53 33.31 -41.38 -20.27
C GLN A 53 33.29 -42.07 -18.91
N GLN A 54 32.79 -41.37 -17.87
CA GLN A 54 32.74 -41.98 -16.55
C GLN A 54 31.53 -42.89 -16.39
N LEU A 55 30.38 -42.51 -16.95
CA LEU A 55 29.16 -43.30 -16.86
C LEU A 55 28.65 -43.58 -18.27
N PRO A 56 29.24 -44.53 -18.97
CA PRO A 56 28.78 -44.84 -20.34
C PRO A 56 27.45 -45.55 -20.33
N ASP A 57 26.61 -45.20 -21.32
CA ASP A 57 25.30 -45.82 -21.49
C ASP A 57 24.43 -45.70 -20.24
N THR A 58 24.38 -44.47 -19.70
CA THR A 58 23.54 -44.17 -18.56
C THR A 58 22.67 -42.96 -18.89
N GLU A 59 21.59 -42.79 -18.13
CA GLU A 59 20.68 -41.67 -18.36
C GLU A 59 21.35 -40.34 -17.99
N LEU A 60 22.19 -40.35 -16.96
CA LEU A 60 22.87 -39.12 -16.56
C LEU A 60 23.74 -38.59 -17.68
N ALA A 61 24.40 -39.47 -18.44
CA ALA A 61 25.24 -39.03 -19.54
C ALA A 61 24.40 -38.40 -20.65
N ARG A 62 23.24 -38.99 -20.97
CA ARG A 62 22.37 -38.43 -22.00
C ARG A 62 21.87 -37.05 -21.58
N GLU A 63 21.39 -36.93 -20.33
CA GLU A 63 20.92 -35.64 -19.85
C GLU A 63 22.05 -34.62 -19.82
N ALA A 64 23.27 -35.06 -19.50
CA ALA A 64 24.40 -34.14 -19.50
C ALA A 64 24.75 -33.67 -20.90
N LEU A 65 24.67 -34.56 -21.90
CA LEU A 65 24.91 -34.15 -23.27
C LEU A 65 23.87 -33.14 -23.73
N GLU A 66 22.60 -33.40 -23.43
CA GLU A 66 21.54 -32.46 -23.81
C GLU A 66 21.72 -31.12 -23.11
N LEU A 67 22.06 -31.15 -21.82
CA LEU A 67 22.28 -29.90 -21.08
C LEU A 67 23.47 -29.14 -21.63
N ALA A 68 24.53 -29.85 -22.04
CA ALA A 68 25.68 -29.18 -22.63
C ALA A 68 25.33 -28.53 -23.95
N LYS A 69 24.51 -29.21 -24.77
CA LYS A 69 24.06 -28.59 -26.02
C LYS A 69 23.25 -27.32 -25.73
N GLU A 70 22.31 -27.41 -24.79
CA GLU A 70 21.50 -26.23 -24.46
C GLU A 70 22.34 -25.10 -23.89
N ALA A 71 23.40 -25.43 -23.14
CA ALA A 71 24.28 -24.40 -22.62
C ALA A 71 25.10 -23.77 -23.71
N VAL A 72 25.53 -24.57 -24.70
CA VAL A 72 26.20 -24.02 -25.87
C VAL A 72 25.29 -23.03 -26.60
N LYS A 73 24.00 -23.35 -26.66
CA LYS A 73 23.05 -22.42 -27.29
C LYS A 73 22.97 -21.10 -26.54
N SER A 74 23.08 -21.14 -25.21
CA SER A 74 22.96 -19.93 -24.40
C SER A 74 24.28 -19.18 -24.34
N THR A 75 24.19 -17.85 -24.30
CA THR A 75 25.36 -16.99 -24.19
C THR A 75 25.57 -16.44 -22.79
N ASP A 76 24.58 -16.57 -21.92
CA ASP A 76 24.70 -16.05 -20.55
C ASP A 76 25.80 -16.80 -19.80
N SER A 77 26.72 -16.03 -19.20
CA SER A 77 27.79 -16.64 -18.42
C SER A 77 27.26 -17.31 -17.17
N GLU A 78 26.22 -16.75 -16.56
CA GLU A 78 25.65 -17.34 -15.36
C GLU A 78 25.04 -18.71 -15.65
N ALA A 79 24.36 -18.84 -16.79
CA ALA A 79 23.80 -20.15 -17.16
C ALA A 79 24.91 -21.16 -17.45
N LEU A 80 26.01 -20.70 -18.05
CA LEU A 80 27.15 -21.59 -18.27
C LEU A 80 27.72 -22.07 -16.95
N LYS A 81 27.86 -21.16 -15.98
CA LYS A 81 28.35 -21.57 -14.67
C LYS A 81 27.38 -22.52 -13.98
N VAL A 82 26.08 -22.30 -14.17
CA VAL A 82 25.08 -23.21 -13.61
C VAL A 82 25.24 -24.62 -14.19
N VAL A 83 25.38 -24.70 -15.51
CA VAL A 83 25.54 -26.01 -16.15
C VAL A 83 26.83 -26.68 -15.70
N GLU A 84 27.91 -25.90 -15.59
CA GLU A 84 29.18 -26.45 -15.13
C GLU A 84 29.05 -27.00 -13.70
N LEU A 85 28.39 -26.25 -12.81
CA LEU A 85 28.21 -26.72 -11.44
C LEU A 85 27.32 -27.96 -11.40
N ALA A 86 26.30 -28.02 -12.26
CA ALA A 86 25.44 -29.19 -12.29
C ALA A 86 26.21 -30.43 -12.72
N LEU A 87 27.06 -30.30 -13.75
CA LEU A 87 27.86 -31.44 -14.19
C LEU A 87 28.89 -31.83 -13.13
N LYS A 88 29.47 -30.84 -12.45
CA LYS A 88 30.41 -31.14 -11.37
C LYS A 88 29.72 -31.83 -10.20
N ILE A 89 28.45 -31.52 -9.96
CA ILE A 89 27.69 -32.21 -8.92
C ILE A 89 27.41 -33.65 -9.35
N VAL A 90 27.04 -33.85 -10.61
CA VAL A 90 26.82 -35.20 -11.13
C VAL A 90 28.09 -36.04 -10.95
N GLN A 91 29.25 -35.44 -11.25
CA GLN A 91 30.51 -36.15 -11.01
C GLN A 91 30.78 -36.36 -9.53
N GLN A 92 30.38 -35.40 -8.70
CA GLN A 92 30.69 -35.45 -7.27
C GLN A 92 29.86 -36.51 -6.56
N LEU A 93 28.57 -36.61 -6.89
CA LEU A 93 27.66 -37.59 -6.30
C LEU A 93 27.04 -38.43 -7.41
N PRO A 94 27.78 -39.38 -7.97
CA PRO A 94 27.20 -40.26 -8.99
C PRO A 94 26.19 -41.22 -8.39
N ASP A 95 25.17 -41.53 -9.18
CA ASP A 95 24.11 -42.47 -8.81
C ASP A 95 23.40 -42.04 -7.52
N THR A 96 23.08 -40.75 -7.44
CA THR A 96 22.32 -40.19 -6.34
C THR A 96 21.15 -39.40 -6.89
N GLU A 97 20.05 -39.37 -6.13
CA GLU A 97 18.88 -38.60 -6.54
C GLU A 97 19.21 -37.11 -6.63
N LEU A 98 20.17 -36.64 -5.83
CA LEU A 98 20.55 -35.24 -5.86
C LEU A 98 21.09 -34.85 -7.22
N ALA A 99 21.90 -35.72 -7.84
CA ALA A 99 22.48 -35.39 -9.14
C ALA A 99 21.40 -35.33 -10.23
N LYS A 100 20.43 -36.26 -10.18
CA LYS A 100 19.37 -36.26 -11.18
C LYS A 100 18.48 -35.03 -11.03
N GLU A 101 18.10 -34.71 -9.79
CA GLU A 101 17.30 -33.52 -9.56
C GLU A 101 18.08 -32.25 -9.90
N ALA A 102 19.40 -32.27 -9.73
CA ALA A 102 20.21 -31.11 -10.09
C ALA A 102 20.28 -30.92 -11.60
N LEU A 103 20.39 -32.02 -12.35
CA LEU A 103 20.32 -31.90 -13.81
C LEU A 103 18.97 -31.35 -14.25
N LYS A 104 17.89 -31.83 -13.63
CA LYS A 104 16.56 -31.34 -13.98
C LYS A 104 16.43 -29.84 -13.67
N LEU A 105 16.90 -29.42 -12.51
CA LEU A 105 16.84 -28.01 -12.14
C LEU A 105 17.72 -27.16 -13.05
N ALA A 106 18.86 -27.69 -13.47
CA ALA A 106 19.73 -26.96 -14.38
C ALA A 106 19.05 -26.76 -15.73
N LYS A 107 18.35 -27.79 -16.22
CA LYS A 107 17.59 -27.64 -17.45
C LYS A 107 16.49 -26.59 -17.30
N GLU A 108 15.75 -26.65 -16.19
CA GLU A 108 14.68 -25.69 -15.96
C GLU A 108 15.21 -24.26 -15.88
N ALA A 109 16.42 -24.10 -15.31
CA ALA A 109 17.02 -22.78 -15.24
C ALA A 109 17.47 -22.30 -16.61
N VAL A 110 18.05 -23.20 -17.41
CA VAL A 110 18.49 -22.84 -18.76
C VAL A 110 17.30 -22.40 -19.61
N LYS A 111 16.15 -23.03 -19.41
CA LYS A 111 14.98 -22.67 -20.20
C LYS A 111 14.58 -21.21 -19.98
N SER A 112 14.71 -20.71 -18.75
CA SER A 112 14.35 -19.33 -18.44
C SER A 112 15.52 -18.40 -18.68
N THR A 113 15.22 -17.22 -19.21
CA THR A 113 16.24 -16.21 -19.50
C THR A 113 16.42 -15.22 -18.35
N ASP A 114 15.53 -15.21 -17.36
CA ASP A 114 15.64 -14.28 -16.25
C ASP A 114 16.91 -14.54 -15.46
N SER A 115 17.55 -13.46 -15.01
CA SER A 115 18.82 -13.57 -14.29
C SER A 115 18.61 -14.03 -12.85
N GLU A 116 17.50 -13.64 -12.23
CA GLU A 116 17.26 -14.01 -10.83
C GLU A 116 17.04 -15.50 -10.68
N ALA A 117 16.35 -16.13 -11.64
CA ALA A 117 16.16 -17.57 -11.58
C ALA A 117 17.48 -18.31 -11.75
N LEU A 118 18.34 -17.81 -12.64
CA LEU A 118 19.66 -18.41 -12.80
C LEU A 118 20.49 -18.27 -11.53
N LYS A 119 20.42 -17.11 -10.87
CA LYS A 119 21.14 -16.94 -9.61
C LYS A 119 20.63 -17.88 -8.53
N VAL A 120 19.30 -18.03 -8.44
CA VAL A 120 18.72 -18.94 -7.45
C VAL A 120 19.17 -20.36 -7.70
N VAL A 121 19.17 -20.79 -8.97
CA VAL A 121 19.55 -22.17 -9.27
C VAL A 121 21.04 -22.39 -9.04
N GLU A 122 21.86 -21.39 -9.36
CA GLU A 122 23.29 -21.48 -9.06
C GLU A 122 23.53 -21.58 -7.56
N LEU A 123 22.77 -20.81 -6.77
CA LEU A 123 22.89 -20.88 -5.32
C LEU A 123 22.49 -22.25 -4.81
N ALA A 124 21.41 -22.82 -5.35
CA ALA A 124 20.98 -24.15 -4.93
C ALA A 124 22.03 -25.21 -5.28
N LEU A 125 22.65 -25.08 -6.47
CA LEU A 125 23.68 -26.03 -6.86
C LEU A 125 24.92 -25.88 -5.99
N GLU A 126 25.28 -24.65 -5.62
CA GLU A 126 26.39 -24.46 -4.70
C GLU A 126 26.08 -25.05 -3.33
N ILE A 127 24.82 -24.98 -2.90
CA ILE A 127 24.43 -25.62 -1.65
C ILE A 127 24.58 -27.13 -1.75
N VAL A 128 24.13 -27.71 -2.87
CA VAL A 128 24.22 -29.16 -3.06
C VAL A 128 25.68 -29.61 -3.08
N GLN A 129 26.54 -28.83 -3.73
CA GLN A 129 27.96 -29.19 -3.82
C GLN A 129 28.65 -29.02 -2.47
N GLN A 130 28.26 -27.99 -1.71
CA GLN A 130 28.89 -27.74 -0.42
C GLN A 130 28.50 -28.78 0.62
N LEU A 131 27.25 -29.27 0.58
CA LEU A 131 26.76 -30.26 1.54
C LEU A 131 26.25 -31.49 0.78
N PRO A 132 27.14 -32.34 0.28
CA PRO A 132 26.69 -33.54 -0.43
C PRO A 132 26.12 -34.57 0.53
N ASP A 133 25.10 -35.30 0.04
CA ASP A 133 24.45 -36.37 0.80
C ASP A 133 23.92 -35.86 2.13
N THR A 134 23.29 -34.69 2.10
CA THR A 134 22.64 -34.11 3.26
C THR A 134 21.21 -33.76 2.90
N GLU A 135 20.33 -33.78 3.91
CA GLU A 135 18.93 -33.48 3.68
C GLU A 135 18.71 -32.00 3.37
N LEU A 136 19.60 -31.13 3.86
CA LEU A 136 19.48 -29.71 3.55
C LEU A 136 19.68 -29.45 2.06
N ALA A 137 20.58 -30.21 1.43
CA ALA A 137 20.78 -30.06 -0.01
C ALA A 137 19.54 -30.49 -0.78
N LYS A 138 18.91 -31.59 -0.36
CA LYS A 138 17.68 -32.04 -1.01
C LYS A 138 16.56 -31.01 -0.85
N GLU A 139 16.40 -30.46 0.36
CA GLU A 139 15.38 -29.46 0.59
C GLU A 139 15.63 -28.20 -0.23
N ALA A 140 16.88 -27.77 -0.32
CA ALA A 140 17.21 -26.58 -1.11
C ALA A 140 16.96 -26.83 -2.59
N LEU A 141 17.27 -28.03 -3.08
CA LEU A 141 17.04 -28.35 -4.48
C LEU A 141 15.54 -28.34 -4.80
N GLU A 142 14.74 -28.96 -3.94
CA GLU A 142 13.29 -28.96 -4.15
C GLU A 142 12.72 -27.55 -4.06
N LEU A 143 13.25 -26.73 -3.13
CA LEU A 143 12.78 -25.36 -3.00
C LEU A 143 13.12 -24.54 -4.24
N ALA A 144 14.31 -24.72 -4.80
CA ALA A 144 14.67 -24.01 -6.02
C ALA A 144 13.82 -24.48 -7.20
N GLU A 145 13.51 -25.78 -7.26
CA GLU A 145 12.60 -26.28 -8.28
C GLU A 145 11.24 -25.59 -8.18
N GLU A 146 10.68 -25.55 -6.96
CA GLU A 146 9.38 -24.92 -6.77
C GLU A 146 9.42 -23.42 -7.09
N ALA A 147 10.56 -22.77 -6.80
CA ALA A 147 10.69 -21.35 -7.10
C ALA A 147 10.74 -21.10 -8.61
N VAL A 148 11.48 -21.94 -9.34
CA VAL A 148 11.54 -21.79 -10.78
C VAL A 148 10.18 -22.05 -11.41
N LYS A 149 9.44 -23.02 -10.88
CA LYS A 149 8.11 -23.30 -11.41
C LYS A 149 7.13 -22.15 -11.17
N SER A 150 7.36 -21.37 -10.11
CA SER A 150 6.47 -20.26 -9.79
C SER A 150 6.74 -19.06 -10.68
N THR A 151 5.67 -18.40 -11.12
CA THR A 151 5.77 -17.22 -11.95
C THR A 151 5.91 -15.93 -11.14
N ASP A 152 5.60 -15.97 -9.84
CA ASP A 152 5.68 -14.79 -9.00
C ASP A 152 7.13 -14.28 -8.93
N SER A 153 7.30 -12.97 -9.10
CA SER A 153 8.63 -12.39 -9.06
C SER A 153 9.19 -12.36 -7.64
N GLU A 154 8.32 -12.27 -6.64
CA GLU A 154 8.79 -12.22 -5.25
C GLU A 154 9.28 -13.57 -4.77
N ALA A 155 8.74 -14.66 -5.33
CA ALA A 155 9.12 -15.99 -4.87
C ALA A 155 10.58 -16.29 -5.16
N LEU A 156 11.07 -15.88 -6.34
CA LEU A 156 12.47 -16.08 -6.66
C LEU A 156 13.38 -15.35 -5.68
N LYS A 157 13.05 -14.09 -5.34
CA LYS A 157 13.86 -13.34 -4.40
C LYS A 157 13.82 -13.95 -3.00
N VAL A 158 12.64 -14.40 -2.58
CA VAL A 158 12.50 -15.03 -1.27
C VAL A 158 13.35 -16.29 -1.19
N VAL A 159 13.30 -17.12 -2.23
CA VAL A 159 14.07 -18.36 -2.22
C VAL A 159 15.56 -18.07 -2.30
N LYS A 160 15.96 -17.04 -3.05
CA LYS A 160 17.37 -16.67 -3.08
C LYS A 160 17.85 -16.24 -1.70
N LEU A 161 17.04 -15.43 -1.00
CA LEU A 161 17.42 -15.01 0.35
C LEU A 161 17.49 -16.20 1.31
N ALA A 162 16.54 -17.13 1.17
CA ALA A 162 16.57 -18.33 2.03
C ALA A 162 17.83 -19.15 1.77
N LEU A 163 18.20 -19.33 0.50
CA LEU A 163 19.40 -20.09 0.19
C LEU A 163 20.66 -19.37 0.66
N GLU A 164 20.68 -18.04 0.59
CA GLU A 164 21.79 -17.27 1.15
C GLU A 164 21.89 -17.49 2.66
N ILE A 165 20.76 -17.49 3.36
CA ILE A 165 20.76 -17.76 4.79
C ILE A 165 21.31 -19.16 5.06
N VAL A 166 20.91 -20.13 4.26
CA VAL A 166 21.38 -21.50 4.45
C VAL A 166 22.89 -21.58 4.25
N GLN A 167 23.39 -20.92 3.20
CA GLN A 167 24.84 -20.93 2.97
C GLN A 167 25.61 -20.22 4.08
N GLN A 168 25.02 -19.17 4.65
CA GLN A 168 25.73 -18.40 5.68
C GLN A 168 25.85 -19.17 6.97
N LEU A 169 24.77 -19.85 7.39
CA LEU A 169 24.72 -20.59 8.64
C LEU A 169 24.27 -22.02 8.36
N PRO A 170 25.17 -22.86 7.87
CA PRO A 170 24.76 -24.23 7.53
C PRO A 170 24.58 -25.10 8.77
N ASP A 171 23.64 -26.05 8.65
N ASP A 171 23.64 -26.05 8.65
CA ASP A 171 23.33 -27.00 9.71
CA ASP A 171 23.34 -27.00 9.72
C ASP A 171 22.98 -26.29 11.02
C ASP A 171 22.98 -26.30 11.02
N THR A 172 22.15 -25.26 10.91
CA THR A 172 21.67 -24.52 12.07
C THR A 172 20.15 -24.59 12.14
N GLU A 173 19.62 -24.32 13.32
N GLU A 173 19.62 -24.32 13.33
CA GLU A 173 18.16 -24.29 13.48
CA GLU A 173 18.17 -24.28 13.48
C GLU A 173 17.56 -23.18 12.63
C GLU A 173 17.56 -23.18 12.64
N LEU A 174 18.24 -22.04 12.54
CA LEU A 174 17.73 -20.93 11.73
C LEU A 174 17.67 -21.30 10.26
N ALA A 175 18.67 -22.03 9.75
CA ALA A 175 18.67 -22.42 8.34
C ALA A 175 17.57 -23.42 8.04
N ARG A 176 17.37 -24.40 8.93
CA ARG A 176 16.29 -25.36 8.75
C ARG A 176 14.93 -24.67 8.78
N GLU A 177 14.74 -23.77 9.75
CA GLU A 177 13.48 -23.04 9.84
C GLU A 177 13.26 -22.17 8.61
N ALA A 178 14.33 -21.57 8.08
CA ALA A 178 14.21 -20.75 6.88
C ALA A 178 13.84 -21.59 5.67
N LEU A 179 14.45 -22.77 5.54
CA LEU A 179 14.08 -23.67 4.45
C LEU A 179 12.61 -24.05 4.51
N GLU A 180 12.15 -24.47 5.70
CA GLU A 180 10.76 -24.87 5.84
C GLU A 180 9.82 -23.70 5.58
N LEU A 181 10.18 -22.51 6.06
CA LEU A 181 9.35 -21.33 5.88
C LEU A 181 9.26 -20.94 4.41
N ALA A 182 10.38 -20.98 3.68
CA ALA A 182 10.35 -20.67 2.26
C ALA A 182 9.55 -21.71 1.49
N LYS A 183 9.66 -22.98 1.88
CA LYS A 183 8.86 -24.02 1.23
C LYS A 183 7.38 -23.76 1.42
N GLU A 184 6.97 -23.46 2.66
CA GLU A 184 5.56 -23.19 2.93
C GLU A 184 5.09 -21.92 2.24
N ALA A 185 5.97 -20.94 2.08
CA ALA A 185 5.58 -19.71 1.40
C ALA A 185 5.39 -19.95 -0.10
N VAL A 186 6.27 -20.73 -0.72
CA VAL A 186 6.10 -21.06 -2.13
C VAL A 186 4.85 -21.90 -2.32
N LYS A 187 4.53 -22.76 -1.34
CA LYS A 187 3.28 -23.50 -1.41
C LYS A 187 2.07 -22.57 -1.35
N SER A 188 2.18 -21.45 -0.65
CA SER A 188 1.07 -20.52 -0.51
C SER A 188 0.89 -19.71 -1.79
N THR A 189 -0.38 -19.50 -2.17
CA THR A 189 -0.73 -18.73 -3.35
C THR A 189 -0.81 -17.24 -3.09
N ASP A 190 -0.71 -16.82 -1.83
CA ASP A 190 -0.83 -15.41 -1.46
C ASP A 190 0.51 -14.71 -1.60
N SER A 191 0.47 -13.49 -2.14
CA SER A 191 1.69 -12.69 -2.28
C SER A 191 2.04 -11.98 -0.97
N GLU A 192 1.04 -11.67 -0.15
CA GLU A 192 1.31 -11.07 1.16
C GLU A 192 2.13 -12.03 2.01
N ALA A 193 1.85 -13.33 1.94
CA ALA A 193 2.65 -14.32 2.65
C ALA A 193 4.09 -14.31 2.15
N LEU A 194 4.28 -14.17 0.84
CA LEU A 194 5.64 -14.11 0.29
C LEU A 194 6.38 -12.88 0.79
N LYS A 195 5.70 -11.73 0.86
CA LYS A 195 6.34 -10.52 1.36
C LYS A 195 6.69 -10.66 2.84
N VAL A 196 5.79 -11.26 3.63
CA VAL A 196 6.07 -11.46 5.05
C VAL A 196 7.26 -12.39 5.24
N VAL A 197 7.34 -13.46 4.45
CA VAL A 197 8.45 -14.39 4.56
C VAL A 197 9.75 -13.72 4.13
N TYR A 198 9.69 -12.88 3.10
CA TYR A 198 10.89 -12.14 2.70
C TYR A 198 11.36 -11.22 3.82
N LEU A 199 10.43 -10.53 4.47
CA LEU A 199 10.81 -9.66 5.57
C LEU A 199 11.41 -10.44 6.73
N ALA A 200 10.85 -11.62 7.03
CA ALA A 200 11.38 -12.43 8.11
C ALA A 200 12.78 -12.92 7.79
N LEU A 201 12.99 -13.41 6.56
CA LEU A 201 14.32 -13.89 6.18
C LEU A 201 15.32 -12.74 6.12
N ARG A 202 14.88 -11.55 5.70
CA ARG A 202 15.77 -10.40 5.71
C ARG A 202 16.15 -10.00 7.13
N ILE A 203 15.21 -10.11 8.07
CA ILE A 203 15.53 -9.84 9.47
C ILE A 203 16.52 -10.88 9.99
N VAL A 204 16.36 -12.14 9.58
CA VAL A 204 17.27 -13.18 10.03
C VAL A 204 18.68 -12.94 9.49
N GLN A 205 18.79 -12.64 8.20
CA GLN A 205 20.10 -12.45 7.58
C GLN A 205 20.76 -11.16 8.06
N GLN A 206 19.98 -10.08 8.18
CA GLN A 206 20.55 -8.79 8.56
C GLN A 206 21.00 -8.79 10.02
N LEU A 207 20.38 -9.61 10.86
CA LEU A 207 20.73 -9.67 12.29
C LEU A 207 20.69 -11.12 12.75
N PRO A 208 21.69 -11.92 12.38
CA PRO A 208 21.73 -13.32 12.82
C PRO A 208 22.13 -13.43 14.28
N ASP A 209 21.87 -14.61 14.85
CA ASP A 209 22.27 -14.94 16.23
C ASP A 209 21.64 -13.97 17.22
N THR A 210 20.35 -13.69 17.02
CA THR A 210 19.62 -12.77 17.89
C THR A 210 18.23 -13.32 18.16
N GLU A 211 17.64 -12.86 19.27
CA GLU A 211 16.30 -13.28 19.63
C GLU A 211 15.26 -12.78 18.62
N LEU A 212 15.50 -11.61 18.03
CA LEU A 212 14.54 -11.05 17.07
C LEU A 212 14.42 -11.94 15.84
N ALA A 213 15.50 -12.59 15.42
CA ALA A 213 15.43 -13.49 14.27
C ALA A 213 14.53 -14.68 14.56
N ARG A 214 14.69 -15.29 15.73
CA ARG A 214 13.83 -16.42 16.10
C ARG A 214 12.39 -15.99 16.24
N LEU A 215 12.15 -14.81 16.83
CA LEU A 215 10.78 -14.30 16.94
C LEU A 215 10.17 -14.09 15.55
N ALA A 216 10.93 -13.52 14.63
CA ALA A 216 10.43 -13.29 13.28
C ALA A 216 10.15 -14.61 12.56
N LEU A 217 11.00 -15.61 12.79
CA LEU A 217 10.76 -16.92 12.19
C LEU A 217 9.45 -17.53 12.70
N GLU A 218 9.25 -17.51 14.02
CA GLU A 218 8.01 -18.02 14.58
C GLU A 218 6.80 -17.28 14.04
N LEU A 219 6.89 -15.94 14.01
CA LEU A 219 5.77 -15.13 13.53
C LEU A 219 5.45 -15.41 12.07
N ALA A 220 6.48 -15.55 11.23
CA ALA A 220 6.24 -15.81 9.82
C ALA A 220 5.67 -17.21 9.61
N LYS A 221 6.15 -18.19 10.37
CA LYS A 221 5.58 -19.54 10.27
C LYS A 221 4.10 -19.53 10.64
N LYS A 222 3.76 -18.91 11.77
CA LYS A 222 2.37 -18.86 12.20
C LYS A 222 1.51 -18.05 11.24
N ALA A 223 2.10 -17.04 10.58
CA ALA A 223 1.35 -16.28 9.59
C ALA A 223 1.06 -17.10 8.35
N VAL A 224 2.06 -17.84 7.86
CA VAL A 224 1.86 -18.72 6.72
C VAL A 224 0.83 -19.80 7.04
N GLU A 225 0.81 -20.26 8.29
CA GLU A 225 -0.19 -21.26 8.67
C GLU A 225 -1.61 -20.71 8.56
N MET A 226 -1.80 -19.43 8.87
CA MET A 226 -3.13 -18.83 8.81
C MET A 226 -3.50 -18.48 7.39
N THR A 227 -4.81 -18.59 7.10
CA THR A 227 -5.34 -18.22 5.79
C THR A 227 -5.90 -16.80 5.78
N ALA A 228 -5.95 -16.13 6.92
CA ALA A 228 -6.52 -14.79 6.99
C ALA A 228 -5.51 -13.75 6.48
N GLN A 229 -6.00 -12.86 5.62
CA GLN A 229 -5.13 -11.80 5.10
C GLN A 229 -4.84 -10.73 6.15
N GLU A 230 -5.74 -10.56 7.12
CA GLU A 230 -5.53 -9.56 8.15
C GLU A 230 -4.32 -9.91 9.02
N VAL A 231 -4.20 -11.18 9.39
CA VAL A 231 -3.05 -11.62 10.18
C VAL A 231 -1.76 -11.40 9.39
N LEU A 232 -1.79 -11.64 8.08
CA LEU A 232 -0.63 -11.39 7.25
C LEU A 232 -0.28 -9.91 7.20
N GLU A 233 -1.29 -9.04 7.17
CA GLU A 233 -1.02 -7.60 7.19
C GLU A 233 -0.40 -7.18 8.51
N ILE A 234 -0.90 -7.72 9.63
CA ILE A 234 -0.31 -7.41 10.92
C ILE A 234 1.14 -7.88 10.97
N ALA A 235 1.40 -9.10 10.48
CA ALA A 235 2.75 -9.62 10.48
C ALA A 235 3.67 -8.77 9.61
N ARG A 236 3.18 -8.33 8.45
CA ARG A 236 3.99 -7.48 7.59
C ARG A 236 4.32 -6.16 8.26
N ALA A 237 3.34 -5.54 8.91
CA ALA A 237 3.59 -4.28 9.61
C ALA A 237 4.59 -4.48 10.74
N ALA A 238 4.45 -5.57 11.50
CA ALA A 238 5.37 -5.82 12.61
C ALA A 238 6.77 -6.10 12.10
N LEU A 239 6.91 -6.83 11.00
CA LEU A 239 8.23 -7.13 10.46
C LEU A 239 8.88 -5.88 9.88
N LYS A 240 8.09 -5.00 9.27
CA LYS A 240 8.65 -3.73 8.81
C LYS A 240 9.10 -2.87 9.99
N ALA A 241 8.33 -2.89 11.08
CA ALA A 241 8.73 -2.14 12.27
C ALA A 241 10.01 -2.71 12.86
N ALA A 242 10.16 -4.03 12.85
CA ALA A 242 11.38 -4.64 13.39
C ALA A 242 12.58 -4.37 12.49
N GLN A 243 12.38 -4.41 11.17
CA GLN A 243 13.46 -4.11 10.24
C GLN A 243 13.91 -2.66 10.33
N ALA A 244 12.96 -1.75 10.57
CA ALA A 244 13.31 -0.33 10.63
C ALA A 244 14.02 0.03 11.93
N PHE A 245 13.78 -0.72 13.01
CA PHE A 245 14.33 -0.41 14.32
C PHE A 245 14.91 -1.68 14.94
N PRO A 246 16.09 -2.10 14.50
CA PRO A 246 16.70 -3.33 15.02
C PRO A 246 17.51 -3.07 16.28
N ASN A 247 17.93 -4.16 16.93
CA ASN A 247 18.76 -4.12 18.13
C ASN A 247 18.11 -3.28 19.23
N THR A 248 16.81 -3.46 19.42
CA THR A 248 16.07 -2.70 20.43
C THR A 248 15.10 -3.62 21.14
N GLU A 249 14.84 -3.30 22.41
CA GLU A 249 13.85 -4.04 23.19
C GLU A 249 12.44 -3.81 22.65
N LEU A 250 12.18 -2.62 22.10
CA LEU A 250 10.85 -2.30 21.61
C LEU A 250 10.47 -3.15 20.41
N ALA A 251 11.45 -3.47 19.54
CA ALA A 251 11.16 -4.35 18.41
C ALA A 251 10.82 -5.76 18.88
N GLU A 252 11.50 -6.22 19.94
CA GLU A 252 11.15 -7.50 20.54
C GLU A 252 9.72 -7.49 21.05
N LEU A 253 9.34 -6.43 21.77
CA LEU A 253 7.97 -6.31 22.25
C LEU A 253 6.97 -6.27 21.09
N MET A 254 7.36 -5.64 19.98
CA MET A 254 6.46 -5.53 18.82
C MET A 254 6.23 -6.89 18.17
N LEU A 255 7.30 -7.65 17.97
CA LEU A 255 7.15 -9.01 17.43
C LEU A 255 6.31 -9.87 18.36
N ARG A 256 6.53 -9.74 19.68
CA ARG A 256 5.72 -10.49 20.64
C ARG A 256 4.25 -10.10 20.55
N LEU A 257 3.98 -8.80 20.38
CA LEU A 257 2.60 -8.34 20.23
C LEU A 257 1.95 -8.93 18.99
N ALA A 258 2.69 -8.97 17.87
CA ALA A 258 2.15 -9.57 16.65
C ALA A 258 1.86 -11.05 16.84
N GLU A 259 2.75 -11.76 17.52
CA GLU A 259 2.50 -13.18 17.80
C GLU A 259 1.25 -13.36 18.65
N VAL A 260 1.07 -12.51 19.66
CA VAL A 260 -0.11 -12.63 20.52
C VAL A 260 -1.38 -12.35 19.73
N ALA A 261 -1.33 -11.37 18.82
CA ALA A 261 -2.51 -11.09 18.00
C ALA A 261 -2.85 -12.25 17.08
N ALA A 262 -1.82 -12.88 16.50
CA ALA A 262 -2.06 -14.06 15.67
C ALA A 262 -2.68 -15.19 16.49
N ARG A 263 -2.21 -15.38 17.73
CA ARG A 263 -2.81 -16.40 18.59
C ARG A 263 -4.25 -16.06 18.93
N VAL A 264 -4.55 -14.77 19.12
CA VAL A 264 -5.93 -14.36 19.39
C VAL A 264 -6.83 -14.69 18.20
N MET A 265 -6.35 -14.44 16.99
CA MET A 265 -7.14 -14.79 15.81
C MET A 265 -7.32 -16.30 15.69
N LYS A 266 -6.29 -17.07 16.07
CA LYS A 266 -6.42 -18.52 16.07
C LYS A 266 -7.50 -18.97 17.06
N GLU A 267 -7.54 -18.36 18.24
CA GLU A 267 -8.58 -18.69 19.20
C GLU A 267 -9.96 -18.28 18.70
N LEU A 268 -10.04 -17.18 17.94
CA LEU A 268 -11.30 -16.80 17.31
C LEU A 268 -11.77 -17.89 16.34
N GLU A 269 -10.85 -18.40 15.53
CA GLU A 269 -11.19 -19.48 14.60
C GLU A 269 -11.65 -20.73 15.35
N ARG A 270 -10.98 -21.04 16.47
CA ARG A 270 -11.39 -22.19 17.27
C ARG A 270 -12.79 -21.99 17.84
N ASN A 271 -13.10 -20.78 18.30
CA ASN A 271 -14.44 -20.49 18.81
C ASN A 271 -15.47 -20.63 17.71
N ASP A 272 -15.15 -20.18 16.50
CA ASP A 272 -16.07 -20.34 15.38
C ASP A 272 -16.32 -21.81 15.08
N GLU A 273 -15.26 -22.62 15.08
CA GLU A 273 -15.41 -24.04 14.83
C GLU A 273 -16.29 -24.70 15.90
N GLU A 274 -16.11 -24.31 17.17
CA GLU A 274 -16.93 -24.88 18.22
C GLU A 274 -18.37 -24.40 18.14
N ILE A 275 -18.59 -23.19 17.64
CA ILE A 275 -19.96 -22.68 17.47
C ILE A 275 -20.67 -23.43 16.35
N LYS A 276 -19.94 -23.76 15.27
CA LYS A 276 -20.55 -24.47 14.16
C LYS A 276 -21.13 -25.82 14.58
N LYS A 277 -20.53 -26.46 15.58
CA LYS A 277 -21.03 -27.74 16.07
C LYS A 277 -22.15 -27.55 17.07
N ASP A 282 -19.58 -28.54 22.52
CA ASP A 282 -19.92 -28.70 23.93
C ASP A 282 -19.75 -27.37 24.67
N ASP A 283 -20.49 -27.20 25.77
CA ASP A 283 -20.40 -25.97 26.53
C ASP A 283 -19.07 -25.84 27.24
N GLU A 284 -18.55 -26.95 27.78
CA GLU A 284 -17.30 -26.90 28.54
C GLU A 284 -16.13 -26.52 27.65
N SER A 285 -16.03 -27.12 26.46
CA SER A 285 -14.95 -26.80 25.54
C SER A 285 -15.04 -25.35 25.07
N LEU A 286 -16.27 -24.87 24.83
CA LEU A 286 -16.45 -23.47 24.45
C LEU A 286 -15.98 -22.54 25.56
N LEU A 287 -16.32 -22.85 26.81
CA LEU A 287 -15.87 -22.03 27.92
C LEU A 287 -14.35 -22.04 28.06
N GLU A 288 -13.74 -23.22 27.86
CA GLU A 288 -12.29 -23.30 27.95
C GLU A 288 -11.62 -22.46 26.86
N ASP A 289 -12.13 -22.54 25.63
CA ASP A 289 -11.58 -21.73 24.55
C ASP A 289 -11.78 -20.24 24.81
N ILE A 290 -12.91 -19.87 25.41
CA ILE A 290 -13.14 -18.48 25.78
C ILE A 290 -12.12 -18.04 26.82
N VAL A 291 -11.82 -18.91 27.78
CA VAL A 291 -10.82 -18.60 28.81
C VAL A 291 -9.46 -18.35 28.16
N GLU A 292 -9.06 -19.23 27.24
CA GLU A 292 -7.77 -19.06 26.57
C GLU A 292 -7.74 -17.77 25.75
N LEU A 293 -8.84 -17.47 25.06
CA LEU A 293 -8.92 -16.24 24.28
C LEU A 293 -8.78 -15.01 25.19
N LEU A 294 -9.41 -15.06 26.37
CA LEU A 294 -9.30 -13.93 27.30
C LEU A 294 -7.88 -13.79 27.82
N LYS A 295 -7.22 -14.91 28.11
CA LYS A 295 -5.81 -14.86 28.51
C LYS A 295 -4.97 -14.14 27.47
N GLU A 296 -5.09 -14.58 26.20
CA GLU A 296 -4.29 -13.97 25.15
C GLU A 296 -4.68 -12.51 24.91
N ILE A 297 -5.95 -12.17 25.12
CA ILE A 297 -6.39 -10.79 24.98
C ILE A 297 -5.73 -9.91 26.04
N ILE A 298 -5.69 -10.40 27.29
CA ILE A 298 -5.04 -9.66 28.36
C ILE A 298 -3.56 -9.48 28.05
N LYS A 299 -2.91 -10.54 27.56
CA LYS A 299 -1.50 -10.41 27.19
C LYS A 299 -1.30 -9.38 26.09
N LEU A 300 -2.18 -9.38 25.08
CA LEU A 300 -2.07 -8.42 23.99
C LEU A 300 -2.16 -6.99 24.49
N TRP A 301 -3.16 -6.72 25.34
CA TRP A 301 -3.31 -5.36 25.84
C TRP A 301 -2.15 -4.96 26.76
N LYS A 302 -1.62 -5.91 27.54
CA LYS A 302 -0.45 -5.60 28.36
C LYS A 302 0.75 -5.23 27.50
N ILE A 303 0.97 -5.97 26.43
CA ILE A 303 2.11 -5.67 25.54
C ILE A 303 1.89 -4.32 24.85
N LEU A 304 0.63 -4.00 24.52
CA LEU A 304 0.36 -2.69 23.93
C LEU A 304 0.67 -1.57 24.92
N VAL A 305 0.30 -1.76 26.19
CA VAL A 305 0.63 -0.76 27.21
C VAL A 305 2.14 -0.58 27.33
N GLU A 306 2.88 -1.69 27.33
CA GLU A 306 4.33 -1.60 27.41
C GLU A 306 4.92 -0.87 26.21
N VAL A 307 4.39 -1.16 25.02
CA VAL A 307 4.86 -0.48 23.81
C VAL A 307 4.60 1.02 23.90
N SER A 308 3.41 1.40 24.40
CA SER A 308 3.09 2.81 24.57
C SER A 308 4.05 3.49 25.53
N ASP A 309 4.37 2.82 26.64
CA ASP A 309 5.31 3.39 27.60
C ASP A 309 6.71 3.57 27.00
N VAL A 310 7.17 2.57 26.25
CA VAL A 310 8.51 2.66 25.65
C VAL A 310 8.55 3.77 24.62
N MET A 311 7.47 3.93 23.85
CA MET A 311 7.43 5.01 22.86
C MET A 311 7.38 6.37 23.53
N LEU A 312 6.66 6.49 24.64
CA LEU A 312 6.67 7.74 25.40
C LEU A 312 8.07 8.06 25.90
N LYS A 313 8.81 7.05 26.37
CA LYS A 313 10.18 7.28 26.79
C LYS A 313 11.06 7.69 25.62
N LEU A 314 10.81 7.11 24.44
CA LEU A 314 11.61 7.45 23.25
C LEU A 314 11.32 8.87 22.76
N ILE A 315 10.09 9.34 22.88
CA ILE A 315 9.75 10.66 22.34
C ILE A 315 10.11 11.77 23.32
N SER A 316 9.95 11.52 24.62
CA SER A 316 10.24 12.53 25.63
C SER A 316 11.70 12.97 25.61
N SER B 1 -38.20 29.98 -24.63
CA SER B 1 -38.37 31.34 -24.14
C SER B 1 -37.02 32.03 -24.00
N GLU B 2 -35.97 31.24 -23.82
CA GLU B 2 -34.63 31.81 -23.72
C GLU B 2 -34.21 32.46 -25.04
N LYS B 3 -34.56 31.85 -26.17
CA LYS B 3 -34.31 32.46 -27.46
C LYS B 3 -35.03 33.80 -27.57
N GLU B 4 -36.26 33.87 -27.04
CA GLU B 4 -37.00 35.13 -27.06
C GLU B 4 -36.29 36.19 -26.25
N LYS B 5 -35.77 35.84 -25.07
CA LYS B 5 -35.04 36.80 -24.25
C LYS B 5 -33.79 37.28 -24.96
N VAL B 6 -33.04 36.35 -25.58
CA VAL B 6 -31.80 36.73 -26.26
C VAL B 6 -32.11 37.66 -27.43
N GLU B 7 -33.12 37.33 -28.23
CA GLU B 7 -33.45 38.18 -29.37
C GLU B 7 -33.99 39.53 -28.95
N GLU B 8 -34.75 39.58 -27.85
CA GLU B 8 -35.24 40.86 -27.35
C GLU B 8 -34.08 41.73 -26.88
N LEU B 9 -33.14 41.15 -26.12
CA LEU B 9 -31.96 41.92 -25.73
C LEU B 9 -31.16 42.36 -26.94
N ALA B 10 -31.10 41.53 -27.98
CA ALA B 10 -30.39 41.90 -29.20
C ALA B 10 -31.03 43.11 -29.86
N GLN B 11 -32.36 43.11 -29.95
CA GLN B 11 -33.05 44.26 -30.55
C GLN B 11 -32.90 45.51 -29.68
N ARG B 12 -32.95 45.34 -28.36
CA ARG B 12 -32.75 46.49 -27.47
C ARG B 12 -31.36 47.07 -27.63
N ILE B 13 -30.34 46.21 -27.77
CA ILE B 13 -28.98 46.70 -27.97
C ILE B 13 -28.85 47.37 -29.33
N ARG B 14 -29.47 46.81 -30.36
CA ARG B 14 -29.43 47.43 -31.67
C ARG B 14 -30.06 48.81 -31.67
N GLU B 15 -31.13 48.98 -30.87
CA GLU B 15 -31.75 50.29 -30.75
C GLU B 15 -30.97 51.21 -29.82
N GLN B 16 -30.12 50.65 -28.95
CA GLN B 16 -29.38 51.47 -28.00
C GLN B 16 -28.24 52.23 -28.66
N LEU B 17 -27.29 51.50 -29.25
CA LEU B 17 -26.14 52.11 -29.92
C LEU B 17 -25.90 51.44 -31.26
N PRO B 18 -26.54 51.94 -32.31
CA PRO B 18 -26.33 51.35 -33.64
C PRO B 18 -25.00 51.76 -34.26
N ASP B 19 -24.56 50.95 -35.23
CA ASP B 19 -23.35 51.23 -36.01
C ASP B 19 -22.10 51.32 -35.14
N THR B 20 -21.99 50.41 -34.18
CA THR B 20 -20.79 50.31 -33.34
C THR B 20 -20.26 48.89 -33.39
N GLU B 21 -19.01 48.74 -32.94
CA GLU B 21 -18.40 47.41 -32.90
C GLU B 21 -19.13 46.51 -31.91
N LEU B 22 -19.50 47.05 -30.75
CA LEU B 22 -20.24 46.26 -29.77
C LEU B 22 -21.59 45.84 -30.31
N ALA B 23 -22.25 46.72 -31.08
CA ALA B 23 -23.55 46.37 -31.65
C ALA B 23 -23.42 45.21 -32.64
N ARG B 24 -22.42 45.29 -33.53
CA ARG B 24 -22.22 44.21 -34.49
C ARG B 24 -21.86 42.91 -33.80
N GLU B 25 -20.99 42.97 -32.79
CA GLU B 25 -20.61 41.75 -32.08
C GLU B 25 -21.80 41.16 -31.32
N ALA B 26 -22.63 42.02 -30.72
CA ALA B 26 -23.82 41.53 -30.03
C ALA B 26 -24.80 40.90 -31.01
N GLN B 27 -24.98 41.51 -32.19
CA GLN B 27 -25.87 40.93 -33.18
C GLN B 27 -25.37 39.56 -33.64
N GLU B 28 -24.07 39.45 -33.92
CA GLU B 28 -23.53 38.16 -34.36
C GLU B 28 -23.63 37.11 -33.26
N LEU B 29 -23.37 37.50 -32.01
CA LEU B 29 -23.48 36.56 -30.90
C LEU B 29 -24.93 36.11 -30.69
N ALA B 30 -25.88 37.05 -30.84
CA ALA B 30 -27.28 36.68 -30.71
C ALA B 30 -27.71 35.74 -31.83
N ASP B 31 -27.20 35.95 -33.05
CA ASP B 31 -27.49 35.03 -34.14
C ASP B 31 -26.95 33.64 -33.83
N GLU B 32 -25.69 33.56 -33.41
CA GLU B 32 -25.09 32.26 -33.11
C GLU B 32 -25.77 31.59 -31.92
N ALA B 33 -26.35 32.37 -31.01
CA ALA B 33 -27.11 31.79 -29.92
C ALA B 33 -28.46 31.28 -30.38
N ARG B 34 -29.16 32.06 -31.22
CA ARG B 34 -30.41 31.61 -31.80
C ARG B 34 -30.23 30.32 -32.58
N LYS B 35 -29.10 30.15 -33.25
CA LYS B 35 -28.82 28.89 -33.93
C LYS B 35 -28.73 27.72 -32.95
N SER B 36 -28.32 27.99 -31.71
CA SER B 36 -28.10 26.92 -30.74
C SER B 36 -29.40 26.51 -30.06
N ASP B 37 -29.43 25.25 -29.63
CA ASP B 37 -30.54 24.70 -28.87
C ASP B 37 -30.16 24.35 -27.44
N ASP B 38 -28.93 24.70 -27.03
CA ASP B 38 -28.45 24.42 -25.68
C ASP B 38 -28.80 25.58 -24.77
N SER B 39 -29.50 25.29 -23.67
CA SER B 39 -29.96 26.35 -22.78
C SER B 39 -28.82 27.01 -22.01
N GLU B 40 -27.76 26.25 -21.70
CA GLU B 40 -26.64 26.83 -20.98
C GLU B 40 -25.91 27.87 -21.81
N ALA B 41 -25.67 27.57 -23.09
CA ALA B 41 -25.09 28.58 -23.98
C ALA B 41 -26.02 29.77 -24.16
N LEU B 42 -27.34 29.53 -24.15
CA LEU B 42 -28.29 30.63 -24.20
C LEU B 42 -28.15 31.53 -22.98
N LYS B 43 -27.96 30.93 -21.80
CA LYS B 43 -27.74 31.75 -20.60
C LYS B 43 -26.42 32.50 -20.68
N VAL B 44 -25.39 31.86 -21.24
CA VAL B 44 -24.11 32.54 -21.47
C VAL B 44 -24.32 33.79 -22.29
N VAL B 45 -24.98 33.65 -23.44
CA VAL B 45 -25.18 34.78 -24.34
C VAL B 45 -26.12 35.82 -23.72
N TYR B 46 -27.10 35.38 -22.93
CA TYR B 46 -27.97 36.31 -22.24
C TYR B 46 -27.18 37.17 -21.26
N LEU B 47 -26.31 36.54 -20.46
CA LEU B 47 -25.49 37.31 -19.53
C LEU B 47 -24.54 38.24 -20.28
N ALA B 48 -24.01 37.78 -21.42
CA ALA B 48 -23.12 38.63 -22.20
C ALA B 48 -23.83 39.88 -22.69
N LEU B 49 -25.01 39.71 -23.30
CA LEU B 49 -25.78 40.85 -23.79
C LEU B 49 -26.27 41.73 -22.64
N ARG B 50 -26.56 41.13 -21.48
CA ARG B 50 -26.96 41.93 -20.33
C ARG B 50 -25.81 42.79 -19.84
N ILE B 51 -24.59 42.27 -19.84
CA ILE B 51 -23.43 43.07 -19.47
C ILE B 51 -23.18 44.15 -20.51
N VAL B 52 -23.39 43.84 -21.79
CA VAL B 52 -23.23 44.84 -22.84
C VAL B 52 -24.21 45.99 -22.63
N GLN B 53 -25.48 45.66 -22.38
CA GLN B 53 -26.47 46.70 -22.09
C GLN B 53 -26.16 47.42 -20.79
N GLN B 54 -25.48 46.75 -19.85
CA GLN B 54 -25.15 47.37 -18.58
C GLN B 54 -24.05 48.41 -18.74
N LEU B 55 -23.00 48.08 -19.50
CA LEU B 55 -21.86 48.97 -19.71
C LEU B 55 -21.59 49.08 -21.20
N PRO B 56 -22.31 49.96 -21.89
CA PRO B 56 -22.06 50.15 -23.33
C PRO B 56 -20.76 50.88 -23.58
N ASP B 57 -20.08 50.48 -24.66
CA ASP B 57 -18.83 51.11 -25.09
C ASP B 57 -17.76 51.06 -23.99
N THR B 58 -17.58 49.86 -23.41
CA THR B 58 -16.59 49.64 -22.37
C THR B 58 -15.73 48.44 -22.73
N GLU B 59 -14.60 48.31 -22.03
CA GLU B 59 -13.72 47.16 -22.24
C GLU B 59 -14.28 45.89 -21.63
N LEU B 60 -14.97 46.02 -20.49
CA LEU B 60 -15.54 44.84 -19.84
C LEU B 60 -16.59 44.16 -20.71
N ALA B 61 -17.41 44.96 -21.40
CA ALA B 61 -18.42 44.38 -22.29
C ALA B 61 -17.76 43.66 -23.47
N ARG B 62 -16.67 44.23 -24.00
CA ARG B 62 -15.95 43.56 -25.08
C ARG B 62 -15.34 42.25 -24.61
N GLU B 63 -14.74 42.24 -23.43
CA GLU B 63 -14.21 41.01 -22.86
C GLU B 63 -15.33 39.98 -22.67
N ALA B 64 -16.49 40.43 -22.18
CA ALA B 64 -17.61 39.52 -21.99
C ALA B 64 -18.08 38.93 -23.31
N LEU B 65 -18.15 39.76 -24.36
CA LEU B 65 -18.58 39.27 -25.66
C LEU B 65 -17.60 38.24 -26.22
N GLU B 66 -16.30 38.54 -26.12
CA GLU B 66 -15.29 37.61 -26.64
C GLU B 66 -15.31 36.29 -25.86
N LEU B 67 -15.41 36.37 -24.53
CA LEU B 67 -15.46 35.17 -23.72
C LEU B 67 -16.72 34.35 -24.01
N ALA B 68 -17.84 35.03 -24.24
CA ALA B 68 -19.09 34.32 -24.55
C ALA B 68 -18.99 33.64 -25.91
N LYS B 69 -18.38 34.30 -26.89
CA LYS B 69 -18.17 33.65 -28.19
C LYS B 69 -17.29 32.42 -28.05
N GLU B 70 -16.18 32.55 -27.34
CA GLU B 70 -15.28 31.41 -27.17
C GLU B 70 -15.91 30.30 -26.35
N ALA B 71 -16.86 30.63 -25.47
CA ALA B 71 -17.58 29.61 -24.72
C ALA B 71 -18.62 28.91 -25.59
N VAL B 72 -19.30 29.66 -26.45
CA VAL B 72 -20.22 29.05 -27.41
C VAL B 72 -19.47 28.10 -28.33
N LYS B 73 -18.22 28.46 -28.68
CA LYS B 73 -17.42 27.56 -29.51
C LYS B 73 -17.12 26.25 -28.78
N SER B 74 -16.93 26.30 -27.46
CA SER B 74 -16.60 25.12 -26.68
C SER B 74 -17.83 24.24 -26.49
N THR B 75 -17.62 22.92 -26.53
CA THR B 75 -18.69 21.96 -26.32
C THR B 75 -18.76 21.46 -24.88
N ASP B 76 -17.77 21.79 -24.05
CA ASP B 76 -17.74 21.32 -22.67
C ASP B 76 -18.73 22.12 -21.83
N SER B 77 -19.56 21.42 -21.06
CA SER B 77 -20.55 22.10 -20.23
C SER B 77 -19.89 22.81 -19.04
N GLU B 78 -18.76 22.30 -18.56
CA GLU B 78 -18.08 22.93 -17.43
C GLU B 78 -17.55 24.30 -17.82
N ALA B 79 -17.03 24.44 -19.04
CA ALA B 79 -16.61 25.75 -19.51
C ALA B 79 -17.80 26.70 -19.61
N LEU B 80 -18.95 26.18 -20.05
CA LEU B 80 -20.17 27.00 -20.09
C LEU B 80 -20.53 27.50 -18.71
N LYS B 81 -20.49 26.62 -17.71
CA LYS B 81 -20.81 27.03 -16.35
C LYS B 81 -19.80 28.03 -15.81
N VAL B 82 -18.51 27.85 -16.14
CA VAL B 82 -17.48 28.78 -15.69
C VAL B 82 -17.72 30.17 -16.27
N VAL B 83 -18.02 30.23 -17.57
CA VAL B 83 -18.26 31.52 -18.21
C VAL B 83 -19.54 32.16 -17.67
N GLU B 84 -20.57 31.35 -17.43
CA GLU B 84 -21.79 31.86 -16.80
C GLU B 84 -21.47 32.51 -15.45
N LEU B 85 -20.72 31.80 -14.61
CA LEU B 85 -20.39 32.33 -13.29
C LEU B 85 -19.52 33.58 -13.38
N ALA B 86 -18.61 33.63 -14.36
CA ALA B 86 -17.76 34.81 -14.51
C ALA B 86 -18.57 36.03 -14.93
N LEU B 87 -19.44 35.87 -15.92
CA LEU B 87 -20.29 36.99 -16.35
C LEU B 87 -21.26 37.39 -15.25
N LYS B 88 -21.74 36.42 -14.48
CA LYS B 88 -22.64 36.73 -13.37
C LYS B 88 -21.90 37.47 -12.25
N ILE B 89 -20.62 37.16 -12.04
CA ILE B 89 -19.81 37.91 -11.08
C ILE B 89 -19.64 39.35 -11.55
N VAL B 90 -19.34 39.53 -12.84
CA VAL B 90 -19.24 40.88 -13.39
C VAL B 90 -20.54 41.64 -13.20
N GLN B 91 -21.67 40.95 -13.34
CA GLN B 91 -22.97 41.59 -13.15
C GLN B 91 -23.21 41.96 -11.69
N GLN B 92 -22.96 41.03 -10.77
CA GLN B 92 -23.24 41.27 -9.35
C GLN B 92 -22.30 42.30 -8.74
N LEU B 93 -21.04 42.34 -9.19
CA LEU B 93 -20.04 43.28 -8.67
C LEU B 93 -19.51 44.12 -9.83
N PRO B 94 -20.27 45.11 -10.29
CA PRO B 94 -19.76 46.01 -11.31
C PRO B 94 -18.73 46.98 -10.75
N ASP B 95 -17.86 47.46 -11.63
CA ASP B 95 -16.82 48.43 -11.29
C ASP B 95 -15.92 47.92 -10.17
N THR B 96 -15.51 46.66 -10.27
CA THR B 96 -14.61 46.04 -9.31
C THR B 96 -13.47 45.35 -10.04
N GLU B 97 -12.29 45.38 -9.44
CA GLU B 97 -11.14 44.67 -10.01
C GLU B 97 -11.39 43.17 -10.09
N LEU B 98 -12.17 42.65 -9.14
CA LEU B 98 -12.46 41.21 -9.13
C LEU B 98 -13.18 40.78 -10.40
N ALA B 99 -14.00 41.65 -10.99
CA ALA B 99 -14.70 41.30 -12.23
C ALA B 99 -13.72 41.09 -13.37
N LYS B 100 -12.78 42.03 -13.55
CA LYS B 100 -11.78 41.89 -14.61
C LYS B 100 -10.89 40.68 -14.38
N GLU B 101 -10.44 40.49 -13.13
CA GLU B 101 -9.60 39.33 -12.83
C GLU B 101 -10.35 38.02 -13.07
N ALA B 102 -11.65 37.99 -12.77
CA ALA B 102 -12.44 36.79 -13.00
C ALA B 102 -12.66 36.54 -14.48
N LEU B 103 -12.84 37.60 -15.26
CA LEU B 103 -12.94 37.45 -16.71
C LEU B 103 -11.65 36.85 -17.28
N GLU B 104 -10.50 37.38 -16.84
CA GLU B 104 -9.23 36.84 -17.32
C GLU B 104 -9.05 35.38 -16.91
N LEU B 105 -9.41 35.05 -15.66
CA LEU B 105 -9.29 33.68 -15.19
C LEU B 105 -10.20 32.75 -15.96
N ALA B 106 -11.42 33.20 -16.28
CA ALA B 106 -12.34 32.37 -17.05
C ALA B 106 -11.83 32.15 -18.47
N LYS B 107 -11.24 33.18 -19.08
CA LYS B 107 -10.63 33.01 -20.39
C LYS B 107 -9.53 31.96 -20.34
N GLU B 108 -8.64 32.09 -19.34
CA GLU B 108 -7.55 31.12 -19.21
C GLU B 108 -8.07 29.71 -18.94
N ALA B 109 -9.19 29.59 -18.23
CA ALA B 109 -9.76 28.28 -17.95
C ALA B 109 -10.37 27.67 -19.20
N VAL B 110 -11.09 28.47 -19.99
CA VAL B 110 -11.70 27.96 -21.21
C VAL B 110 -10.63 27.55 -22.22
N LYS B 111 -9.52 28.30 -22.28
CA LYS B 111 -8.49 27.99 -23.25
C LYS B 111 -7.79 26.66 -22.94
N SER B 112 -7.78 26.25 -21.68
CA SER B 112 -7.11 25.01 -21.29
C SER B 112 -8.00 23.81 -21.57
N THR B 113 -7.39 22.72 -22.04
CA THR B 113 -8.13 21.50 -22.33
C THR B 113 -8.30 20.61 -21.11
N ASP B 114 -7.49 20.80 -20.08
CA ASP B 114 -7.58 19.98 -18.87
C ASP B 114 -8.94 20.15 -18.19
N SER B 115 -9.43 19.08 -17.59
CA SER B 115 -10.75 19.07 -16.98
C SER B 115 -10.72 19.55 -15.53
N GLU B 116 -9.57 19.46 -14.86
CA GLU B 116 -9.48 19.87 -13.46
C GLU B 116 -9.38 21.39 -13.30
N ALA B 117 -8.76 22.07 -14.26
CA ALA B 117 -8.67 23.52 -14.19
C ALA B 117 -10.05 24.16 -14.26
N LEU B 118 -10.97 23.56 -15.01
CA LEU B 118 -12.34 24.06 -15.04
C LEU B 118 -12.98 24.02 -13.66
N LYS B 119 -12.84 22.89 -12.96
CA LYS B 119 -13.37 22.79 -11.61
C LYS B 119 -12.71 23.80 -10.67
N VAL B 120 -11.39 23.96 -10.79
CA VAL B 120 -10.68 24.89 -9.91
C VAL B 120 -11.16 26.32 -10.12
N VAL B 121 -11.29 26.72 -11.38
CA VAL B 121 -11.72 28.08 -11.69
C VAL B 121 -13.17 28.30 -11.29
N GLU B 122 -14.02 27.28 -11.48
CA GLU B 122 -15.40 27.37 -11.03
C GLU B 122 -15.47 27.55 -9.52
N LEU B 123 -14.63 26.82 -8.77
CA LEU B 123 -14.59 26.97 -7.33
C LEU B 123 -14.13 28.36 -6.93
N ALA B 124 -13.12 28.88 -7.62
CA ALA B 124 -12.65 30.24 -7.32
C ALA B 124 -13.73 31.27 -7.59
N LEU B 125 -14.47 31.11 -8.70
CA LEU B 125 -15.53 32.05 -9.01
C LEU B 125 -16.67 31.97 -8.00
N GLU B 126 -16.99 30.76 -7.54
CA GLU B 126 -18.01 30.63 -6.51
C GLU B 126 -17.55 31.27 -5.20
N ILE B 127 -16.26 31.18 -4.89
CA ILE B 127 -15.73 31.85 -3.71
C ILE B 127 -15.85 33.36 -3.86
N VAL B 128 -15.56 33.88 -5.04
CA VAL B 128 -15.67 35.32 -5.27
C VAL B 128 -17.12 35.77 -5.14
N GLN B 129 -18.06 34.99 -5.70
CA GLN B 129 -19.46 35.38 -5.66
C GLN B 129 -20.04 35.32 -4.26
N GLN B 130 -19.72 34.26 -3.51
CA GLN B 130 -20.33 34.10 -2.19
C GLN B 130 -19.73 35.05 -1.17
N LEU B 131 -18.48 35.48 -1.36
CA LEU B 131 -17.79 36.37 -0.43
C LEU B 131 -17.23 37.58 -1.17
N PRO B 132 -18.10 38.50 -1.59
CA PRO B 132 -17.60 39.73 -2.23
C PRO B 132 -17.01 40.68 -1.20
N ASP B 133 -16.10 41.54 -1.67
CA ASP B 133 -15.46 42.55 -0.85
C ASP B 133 -14.74 41.94 0.35
N THR B 134 -14.18 40.74 0.14
CA THR B 134 -13.42 40.05 1.17
C THR B 134 -12.04 39.69 0.64
N GLU B 135 -11.07 39.63 1.55
CA GLU B 135 -9.72 39.24 1.15
C GLU B 135 -9.69 37.81 0.63
N LEU B 136 -10.59 36.96 1.14
CA LEU B 136 -10.60 35.56 0.72
C LEU B 136 -10.90 35.42 -0.76
N ALA B 137 -11.81 36.23 -1.28
CA ALA B 137 -12.16 36.16 -2.70
C ALA B 137 -10.97 36.51 -3.58
N LYS B 138 -10.30 37.63 -3.28
CA LYS B 138 -9.14 38.03 -4.07
C LYS B 138 -8.02 37.01 -3.97
N GLU B 139 -7.77 36.49 -2.76
CA GLU B 139 -6.72 35.50 -2.59
C GLU B 139 -7.04 34.22 -3.35
N ALA B 140 -8.30 33.78 -3.34
CA ALA B 140 -8.68 32.58 -4.08
C ALA B 140 -8.58 32.79 -5.58
N LEU B 141 -8.96 33.97 -6.06
CA LEU B 141 -8.84 34.26 -7.49
C LEU B 141 -7.37 34.25 -7.92
N LYS B 142 -6.50 34.87 -7.11
CA LYS B 142 -5.08 34.86 -7.42
C LYS B 142 -4.50 33.45 -7.37
N LEU B 143 -4.94 32.65 -6.39
CA LEU B 143 -4.46 31.28 -6.29
C LEU B 143 -4.88 30.45 -7.50
N ALA B 144 -6.11 30.66 -7.99
CA ALA B 144 -6.54 29.93 -9.18
C ALA B 144 -5.78 30.39 -10.42
N LYS B 145 -5.51 31.70 -10.52
CA LYS B 145 -4.70 32.20 -11.63
C LYS B 145 -3.31 31.59 -11.61
N GLU B 146 -2.73 31.43 -10.42
CA GLU B 146 -1.41 30.81 -10.32
C GLU B 146 -1.47 29.32 -10.64
N ALA B 147 -2.57 28.66 -10.25
CA ALA B 147 -2.70 27.23 -10.48
C ALA B 147 -2.86 26.92 -11.97
N VAL B 148 -3.53 27.80 -12.72
CA VAL B 148 -3.68 27.57 -14.15
C VAL B 148 -2.32 27.57 -14.85
N LYS B 149 -1.37 28.37 -14.37
CA LYS B 149 -0.08 28.48 -15.04
C LYS B 149 0.79 27.24 -14.81
N SER B 150 0.66 26.59 -13.65
CA SER B 150 1.53 25.46 -13.33
C SER B 150 1.26 24.28 -14.24
N THR B 151 2.34 23.62 -14.66
CA THR B 151 2.23 22.44 -15.51
C THR B 151 1.81 21.20 -14.74
N ASP B 152 2.21 21.10 -13.48
CA ASP B 152 1.94 19.90 -12.70
C ASP B 152 0.45 19.80 -12.35
N SER B 153 -0.09 18.58 -12.43
CA SER B 153 -1.47 18.34 -12.05
C SER B 153 -1.64 18.30 -10.54
N GLU B 154 -0.57 17.94 -9.82
CA GLU B 154 -0.62 17.95 -8.36
C GLU B 154 -0.90 19.34 -7.83
N ALA B 155 -0.36 20.38 -8.48
CA ALA B 155 -0.68 21.74 -8.09
C ALA B 155 -2.16 22.05 -8.30
N LEU B 156 -2.74 21.57 -9.40
CA LEU B 156 -4.16 21.76 -9.64
C LEU B 156 -4.99 21.10 -8.54
N LYS B 157 -4.64 19.87 -8.17
CA LYS B 157 -5.38 19.19 -7.11
C LYS B 157 -5.22 19.89 -5.76
N VAL B 158 -4.01 20.38 -5.47
CA VAL B 158 -3.76 21.08 -4.22
C VAL B 158 -4.59 22.35 -4.13
N VAL B 159 -4.61 23.13 -5.23
CA VAL B 159 -5.38 24.37 -5.23
C VAL B 159 -6.88 24.07 -5.16
N TYR B 160 -7.32 22.99 -5.81
CA TYR B 160 -8.71 22.57 -5.69
C TYR B 160 -9.07 22.28 -4.25
N LEU B 161 -8.22 21.52 -3.56
CA LEU B 161 -8.49 21.19 -2.16
C LEU B 161 -8.46 22.44 -1.28
N ALA B 162 -7.56 23.37 -1.58
CA ALA B 162 -7.46 24.59 -0.77
C ALA B 162 -8.72 25.45 -0.93
N LEU B 163 -9.16 25.64 -2.18
CA LEU B 163 -10.39 26.39 -2.41
C LEU B 163 -11.59 25.69 -1.80
N ARG B 164 -11.62 24.36 -1.84
CA ARG B 164 -12.69 23.63 -1.19
C ARG B 164 -12.69 23.89 0.31
N ILE B 165 -11.52 23.85 0.94
CA ILE B 165 -11.43 24.11 2.38
C ILE B 165 -11.89 25.53 2.68
N VAL B 166 -11.54 26.48 1.82
CA VAL B 166 -11.98 27.86 2.02
C VAL B 166 -13.51 27.95 1.94
N GLN B 167 -14.11 27.27 0.97
CA GLN B 167 -15.56 27.34 0.81
C GLN B 167 -16.29 26.65 1.96
N GLN B 168 -15.73 25.55 2.47
CA GLN B 168 -16.43 24.79 3.52
C GLN B 168 -16.50 25.60 4.81
N LEU B 169 -15.38 26.16 5.25
CA LEU B 169 -15.31 26.91 6.50
C LEU B 169 -14.76 28.31 6.24
N PRO B 170 -15.60 29.23 5.76
CA PRO B 170 -15.14 30.61 5.58
C PRO B 170 -14.96 31.30 6.93
N ASP B 171 -14.08 32.30 6.93
CA ASP B 171 -13.79 33.10 8.13
C ASP B 171 -13.33 32.22 9.28
N THR B 172 -12.42 31.29 8.98
CA THR B 172 -11.79 30.44 9.97
C THR B 172 -10.29 30.48 9.80
N GLU B 173 -9.57 30.15 10.88
CA GLU B 173 -8.12 30.10 10.80
C GLU B 173 -7.66 29.04 9.80
N LEU B 174 -8.39 27.92 9.73
CA LEU B 174 -8.02 26.86 8.81
C LEU B 174 -8.06 27.33 7.36
N ALA B 175 -9.04 28.15 7.01
CA ALA B 175 -9.17 28.63 5.63
C ALA B 175 -7.99 29.51 5.23
N ARG B 176 -7.64 30.48 6.07
CA ARG B 176 -6.52 31.37 5.74
C ARG B 176 -5.20 30.61 5.76
N GLU B 177 -5.04 29.66 6.69
CA GLU B 177 -3.82 28.85 6.70
C GLU B 177 -3.71 28.02 5.43
N ALA B 178 -4.83 27.42 4.98
CA ALA B 178 -4.81 26.65 3.75
C ALA B 178 -4.51 27.52 2.54
N LEU B 179 -5.07 28.74 2.51
CA LEU B 179 -4.77 29.66 1.41
C LEU B 179 -3.28 30.00 1.37
N GLU B 180 -2.71 30.37 2.52
CA GLU B 180 -1.29 30.72 2.56
C GLU B 180 -0.42 29.53 2.18
N LEU B 181 -0.76 28.34 2.68
CA LEU B 181 0.02 27.15 2.36
C LEU B 181 -0.06 26.80 0.89
N ALA B 182 -1.24 26.91 0.28
CA ALA B 182 -1.38 26.62 -1.14
C ALA B 182 -0.63 27.64 -1.98
N LYS B 183 -0.66 28.91 -1.58
CA LYS B 183 0.10 29.93 -2.31
C LYS B 183 1.59 29.64 -2.24
N GLU B 184 2.10 29.34 -1.04
CA GLU B 184 3.52 29.06 -0.89
C GLU B 184 3.93 27.76 -1.57
N ALA B 185 2.99 26.82 -1.74
CA ALA B 185 3.29 25.58 -2.44
C ALA B 185 3.31 25.79 -3.96
N VAL B 186 2.41 26.64 -4.47
CA VAL B 186 2.44 26.98 -5.89
C VAL B 186 3.71 27.76 -6.20
N LYS B 187 4.17 28.59 -5.27
CA LYS B 187 5.41 29.33 -5.49
C LYS B 187 6.60 28.39 -5.60
N SER B 188 6.64 27.36 -4.76
CA SER B 188 7.75 26.41 -4.78
C SER B 188 7.68 25.53 -6.02
N THR B 189 8.85 25.21 -6.58
CA THR B 189 8.92 24.36 -7.76
C THR B 189 8.88 22.87 -7.41
N ASP B 190 9.15 22.51 -6.16
CA ASP B 190 9.19 21.11 -5.76
C ASP B 190 7.79 20.50 -5.78
N SER B 191 7.71 19.27 -6.29
CA SER B 191 6.44 18.53 -6.29
C SER B 191 6.22 17.76 -5.00
N GLU B 192 7.28 17.42 -4.27
CA GLU B 192 7.11 16.76 -2.98
C GLU B 192 6.43 17.69 -1.99
N GLN B 193 6.72 18.99 -2.07
CA GLN B 193 6.00 19.95 -1.25
C GLN B 193 4.53 20.00 -1.63
N LEU B 194 4.23 19.87 -2.93
CA LEU B 194 2.83 19.80 -3.36
C LEU B 194 2.15 18.57 -2.77
N GLU B 195 2.85 17.43 -2.76
CA GLU B 195 2.28 16.21 -2.16
C GLU B 195 2.03 16.40 -0.68
N VAL B 196 2.98 17.01 0.04
CA VAL B 196 2.82 17.24 1.47
C VAL B 196 1.63 18.16 1.73
N VAL B 197 1.51 19.23 0.95
CA VAL B 197 0.40 20.17 1.13
C VAL B 197 -0.93 19.49 0.81
N ARG B 198 -0.96 18.66 -0.23
CA ARG B 198 -2.18 17.93 -0.53
C ARG B 198 -2.59 17.03 0.62
N LEU B 199 -1.63 16.29 1.19
CA LEU B 199 -1.94 15.42 2.32
C LEU B 199 -2.41 16.22 3.53
N ALA B 200 -1.79 17.37 3.79
CA ALA B 200 -2.20 18.20 4.91
C ALA B 200 -3.62 18.74 4.72
N LEU B 201 -3.93 19.18 3.50
CA LEU B 201 -5.26 19.71 3.22
C LEU B 201 -6.31 18.60 3.28
N GLU B 202 -5.95 17.39 2.87
CA GLU B 202 -6.87 16.27 3.03
C GLU B 202 -7.10 15.94 4.49
N ILE B 203 -6.05 16.03 5.31
CA ILE B 203 -6.21 15.84 6.75
C ILE B 203 -7.15 16.89 7.32
N VAL B 204 -7.03 18.13 6.84
CA VAL B 204 -7.91 19.19 7.31
C VAL B 204 -9.36 18.91 6.93
N GLN B 205 -9.59 18.53 5.66
CA GLN B 205 -10.94 18.32 5.19
C GLN B 205 -11.59 17.10 5.85
N LEU B 206 -10.81 16.06 6.11
CA LEU B 206 -11.37 14.86 6.73
C LEU B 206 -11.80 15.13 8.18
N ALA B 207 -11.03 15.93 8.91
CA ALA B 207 -11.32 16.26 10.29
C ALA B 207 -11.22 17.78 10.48
N PRO B 208 -12.21 18.53 10.03
CA PRO B 208 -12.17 19.98 10.22
C PRO B 208 -12.40 20.36 11.67
N ASP B 209 -11.74 21.45 12.08
CA ASP B 209 -11.84 21.98 13.44
C ASP B 209 -11.44 20.93 14.48
N THR B 210 -10.32 20.27 14.22
CA THR B 210 -9.78 19.28 15.14
C THR B 210 -8.32 19.63 15.44
N ARG B 211 -7.79 19.00 16.48
CA ARG B 211 -6.39 19.24 16.85
C ARG B 211 -5.45 18.65 15.81
N LEU B 212 -5.81 17.50 15.25
CA LEU B 212 -4.97 16.88 14.22
C LEU B 212 -4.85 17.77 13.00
N ALA B 213 -5.93 18.46 12.62
CA ALA B 213 -5.89 19.30 11.43
C ALA B 213 -4.91 20.45 11.59
N ARG B 214 -5.03 21.20 12.68
CA ARG B 214 -4.12 22.32 12.90
C ARG B 214 -2.68 21.84 13.13
N ALA B 215 -2.51 20.70 13.80
CA ALA B 215 -1.17 20.16 14.00
C ALA B 215 -0.53 19.81 12.66
N ALA B 216 -1.29 19.15 11.78
CA ALA B 216 -0.79 18.81 10.45
C ALA B 216 -0.52 20.06 9.63
N LEU B 217 -1.33 21.11 9.79
CA LEU B 217 -1.08 22.35 9.08
C LEU B 217 0.25 22.98 9.53
N LYS B 218 0.47 23.03 10.84
CA LYS B 218 1.73 23.58 11.34
C LYS B 218 2.91 22.74 10.88
N LEU B 219 2.76 21.42 10.89
CA LEU B 219 3.83 20.54 10.43
C LEU B 219 4.12 20.76 8.95
N ALA B 220 3.09 20.91 8.13
CA ALA B 220 3.28 21.14 6.70
C ALA B 220 3.94 22.50 6.45
N LYS B 221 3.57 23.51 7.24
CA LYS B 221 4.22 24.81 7.11
C LYS B 221 5.70 24.71 7.43
N GLU B 222 6.04 24.11 8.57
CA GLU B 222 7.44 23.98 8.94
C GLU B 222 8.21 23.04 8.01
N ALA B 223 7.51 22.15 7.32
CA ALA B 223 8.17 21.29 6.34
C ALA B 223 8.43 22.03 5.04
N VAL B 224 7.49 22.88 4.62
CA VAL B 224 7.74 23.76 3.48
C VAL B 224 8.90 24.69 3.77
N LYS B 225 9.01 25.16 5.02
CA LYS B 225 10.14 26.01 5.40
C LYS B 225 11.44 25.22 5.44
N SER B 226 11.40 23.94 5.79
CA SER B 226 12.61 23.14 5.94
C SER B 226 13.18 22.76 4.57
N THR B 227 14.41 22.26 4.59
CA THR B 227 15.11 21.84 3.37
C THR B 227 15.72 20.46 3.51
N ASP B 228 15.30 19.67 4.50
CA ASP B 228 15.82 18.32 4.70
C ASP B 228 14.90 17.32 4.01
N GLN B 229 15.49 16.42 3.23
CA GLN B 229 14.70 15.48 2.45
C GLN B 229 14.21 14.30 3.29
N GLU B 230 15.05 13.82 4.20
CA GLU B 230 14.63 12.72 5.08
C GLU B 230 13.46 13.14 5.96
N GLU B 231 13.53 14.35 6.53
CA GLU B 231 12.39 14.87 7.30
C GLU B 231 11.17 15.05 6.41
N LEU B 232 11.36 15.38 5.14
CA LEU B 232 10.24 15.52 4.22
C LEU B 232 9.53 14.18 4.01
N LYS B 233 10.29 13.12 3.77
CA LYS B 233 9.70 11.80 3.62
C LYS B 233 9.04 11.35 4.93
N LYS B 234 9.66 11.66 6.07
CA LYS B 234 9.06 11.32 7.35
C LYS B 234 7.72 12.04 7.54
N VAL B 235 7.66 13.32 7.15
CA VAL B 235 6.41 14.06 7.27
C VAL B 235 5.35 13.49 6.34
N LYS B 236 5.74 13.10 5.12
CA LYS B 236 4.78 12.45 4.22
C LYS B 236 4.20 11.20 4.86
N ALA B 237 5.07 10.35 5.43
CA ALA B 237 4.60 9.13 6.06
C ALA B 237 3.69 9.43 7.25
N ILE B 238 4.03 10.45 8.04
CA ILE B 238 3.21 10.80 9.21
C ILE B 238 1.83 11.27 8.77
N LEU B 239 1.76 12.11 7.73
CA LEU B 239 0.47 12.58 7.25
C LEU B 239 -0.37 11.44 6.68
N ARG B 240 0.27 10.54 5.94
CA ARG B 240 -0.46 9.37 5.43
C ARG B 240 -1.01 8.53 6.58
N VAL B 241 -0.22 8.35 7.63
CA VAL B 241 -0.68 7.58 8.79
C VAL B 241 -1.85 8.30 9.47
N ALA B 242 -1.79 9.62 9.55
CA ALA B 242 -2.90 10.37 10.17
C ALA B 242 -4.18 10.20 9.37
N SER B 243 -4.09 10.27 8.04
CA SER B 243 -5.28 10.07 7.22
C SER B 243 -5.83 8.66 7.39
N GLU B 244 -4.95 7.65 7.40
CA GLU B 244 -5.38 6.29 7.65
C GLU B 244 -6.06 6.17 9.01
N VAL B 245 -5.56 6.90 10.00
CA VAL B 245 -6.14 6.87 11.34
C VAL B 245 -7.54 7.46 11.33
N LEU B 246 -7.74 8.54 10.57
CA LEU B 246 -9.08 9.13 10.47
C LEU B 246 -10.06 8.15 9.82
N LYS B 247 -9.64 7.51 8.73
CA LYS B 247 -10.50 6.51 8.09
C LYS B 247 -10.82 5.37 9.04
N LEU B 248 -9.82 4.90 9.79
CA LEU B 248 -10.03 3.80 10.72
C LEU B 248 -10.92 4.23 11.87
N GLU B 249 -10.87 5.51 12.26
CA GLU B 249 -11.77 6.01 13.30
C GLU B 249 -13.21 5.98 12.81
N GLU B 250 -13.44 6.39 11.56
CA GLU B 250 -14.78 6.27 11.00
C GLU B 250 -15.26 4.83 11.02
N GLU B 251 -14.40 3.91 10.58
CA GLU B 251 -14.78 2.49 10.59
C GLU B 251 -15.08 1.99 11.99
N ALA B 252 -14.27 2.42 12.97
CA ALA B 252 -14.46 1.96 14.34
C ALA B 252 -15.77 2.51 14.93
N LYS B 253 -16.12 3.75 14.58
CA LYS B 253 -17.40 4.29 15.04
C LYS B 253 -18.57 3.51 14.45
N LYS B 254 -18.47 3.16 13.16
CA LYS B 254 -19.50 2.29 12.56
C LYS B 254 -19.59 0.95 13.31
N SER B 255 -18.43 0.38 13.65
CA SER B 255 -18.43 -0.90 14.37
C SER B 255 -19.04 -0.76 15.76
N GLN B 256 -18.81 0.38 16.42
CA GLN B 256 -19.41 0.61 17.73
C GLN B 256 -20.92 0.73 17.65
N GLU B 257 -21.42 1.42 16.62
CA GLU B 257 -22.87 1.44 16.39
C GLU B 257 -23.42 0.04 16.16
N GLU B 258 -22.70 -0.77 15.38
CA GLU B 258 -23.10 -2.16 15.17
C GLU B 258 -23.15 -2.92 16.49
N VAL B 259 -22.18 -2.67 17.37
CA VAL B 259 -22.12 -3.37 18.66
C VAL B 259 -23.33 -3.00 19.52
N GLU B 260 -23.67 -1.71 19.56
CA GLU B 260 -24.85 -1.28 20.33
C GLU B 260 -26.12 -1.92 19.78
N ARG B 261 -26.30 -1.89 18.46
CA ARG B 261 -27.48 -2.51 17.86
C ARG B 261 -27.52 -4.00 18.15
N LEU B 262 -26.36 -4.67 18.13
CA LEU B 262 -26.34 -6.10 18.39
C LEU B 262 -26.70 -6.41 19.83
N LYS B 263 -26.23 -5.58 20.78
CA LYS B 263 -26.61 -5.78 22.18
C LYS B 263 -28.12 -5.64 22.35
N GLN B 264 -28.69 -4.60 21.74
CA GLN B 264 -30.15 -4.41 21.80
C GLN B 264 -30.89 -5.62 21.21
N GLU B 265 -30.45 -6.07 20.03
CA GLU B 265 -31.12 -7.19 19.36
C GLU B 265 -30.98 -8.48 20.15
N VAL B 266 -29.83 -8.67 20.83
CA VAL B 266 -29.63 -9.86 21.63
C VAL B 266 -30.56 -9.86 22.84
N GLU B 267 -30.70 -8.71 23.50
CA GLU B 267 -31.64 -8.65 24.61
C GLU B 267 -33.07 -8.88 24.14
N LYS B 268 -33.43 -8.32 22.98
CA LYS B 268 -34.78 -8.52 22.45
C LYS B 268 -35.04 -9.98 22.12
N ALA B 269 -34.06 -10.66 21.51
CA ALA B 269 -34.25 -12.06 21.15
C ALA B 269 -34.25 -12.96 22.38
N SER B 270 -33.51 -12.58 23.43
CA SER B 270 -33.58 -13.33 24.68
C SER B 270 -34.93 -13.15 25.36
N LYS B 271 -35.52 -11.97 25.23
CA LYS B 271 -36.86 -11.77 25.79
C LYS B 271 -37.92 -12.50 24.97
N ALA B 272 -37.76 -12.55 23.65
CA ALA B 272 -38.75 -13.17 22.78
C ALA B 272 -38.53 -14.66 22.58
N GLY B 273 -37.27 -15.09 22.46
CA GLY B 273 -36.96 -16.48 22.24
C GLY B 273 -36.80 -16.87 20.78
N LEU B 274 -36.69 -15.91 19.87
CA LEU B 274 -36.54 -16.19 18.45
C LEU B 274 -35.20 -16.86 18.16
N GLY B 278 -32.53 -20.96 17.55
CA GLY B 278 -32.66 -19.55 17.85
C GLY B 278 -31.38 -18.93 18.37
N ASP B 279 -30.75 -19.60 19.34
CA ASP B 279 -29.49 -19.10 19.89
C ASP B 279 -28.36 -19.19 18.87
N SER B 280 -28.45 -20.13 17.92
CA SER B 280 -27.39 -20.29 16.94
C SER B 280 -27.33 -19.10 15.98
N ARG B 281 -28.49 -18.58 15.58
CA ARG B 281 -28.51 -17.40 14.73
C ARG B 281 -27.95 -16.18 15.46
N ILE B 282 -28.28 -16.05 16.75
CA ILE B 282 -27.72 -14.99 17.57
C ILE B 282 -26.20 -15.12 17.64
N PHE B 283 -25.71 -16.35 17.84
CA PHE B 283 -24.26 -16.57 17.87
C PHE B 283 -23.62 -16.23 16.54
N LYS B 284 -24.30 -16.52 15.43
CA LYS B 284 -23.74 -16.21 14.12
C LYS B 284 -23.64 -14.71 13.91
N LYS B 285 -24.68 -13.96 14.28
CA LYS B 285 -24.61 -12.50 14.18
C LYS B 285 -23.52 -11.94 15.09
N ILE B 286 -23.41 -12.49 16.31
CA ILE B 286 -22.35 -12.06 17.23
C ILE B 286 -20.98 -12.34 16.62
N HIS B 287 -20.83 -13.49 15.96
CA HIS B 287 -19.55 -13.83 15.33
C HIS B 287 -19.22 -12.85 14.21
N ASP B 288 -20.21 -12.48 13.41
CA ASP B 288 -19.97 -11.50 12.34
C ASP B 288 -19.51 -10.17 12.92
N VAL B 289 -20.22 -9.69 13.95
CA VAL B 289 -19.88 -8.39 14.54
C VAL B 289 -18.49 -8.46 15.18
N VAL B 290 -18.18 -9.57 15.86
CA VAL B 290 -16.87 -9.74 16.48
C VAL B 290 -15.78 -9.75 15.43
N THR B 291 -16.02 -10.45 14.31
CA THR B 291 -15.05 -10.47 13.22
C THR B 291 -14.75 -9.06 12.74
N LYS B 292 -15.80 -8.28 12.45
CA LYS B 292 -15.59 -6.92 11.95
C LYS B 292 -14.84 -6.07 12.98
N GLN B 293 -15.27 -6.12 14.23
CA GLN B 293 -14.65 -5.27 15.25
C GLN B 293 -13.19 -5.63 15.48
N ILE B 294 -12.88 -6.93 15.54
CA ILE B 294 -11.51 -7.35 15.80
C ILE B 294 -10.64 -7.08 14.58
N LYS B 295 -11.19 -7.15 13.37
CA LYS B 295 -10.42 -6.76 12.20
C LYS B 295 -10.07 -5.27 12.24
N VAL B 296 -11.03 -4.44 12.69
CA VAL B 296 -10.73 -3.02 12.87
C VAL B 296 -9.63 -2.83 13.91
N ILE B 297 -9.70 -3.58 15.02
CA ILE B 297 -8.67 -3.48 16.06
C ILE B 297 -7.30 -3.87 15.51
N LEU B 298 -7.26 -4.92 14.68
CA LEU B 298 -6.00 -5.37 14.12
C LEU B 298 -5.44 -4.35 13.14
N ARG B 299 -6.31 -3.70 12.36
CA ARG B 299 -5.86 -2.61 11.51
C ARG B 299 -5.27 -1.47 12.34
N LEU B 300 -5.91 -1.16 13.47
CA LEU B 300 -5.38 -0.14 14.37
C LEU B 300 -4.00 -0.52 14.88
N ILE B 301 -3.81 -1.78 15.25
CA ILE B 301 -2.52 -2.24 15.74
C ILE B 301 -1.47 -2.15 14.63
N ALA B 302 -1.85 -2.48 13.40
CA ALA B 302 -0.93 -2.37 12.28
C ALA B 302 -0.52 -0.92 12.05
N VAL B 303 -1.46 0.01 12.15
CA VAL B 303 -1.13 1.42 12.01
C VAL B 303 -0.21 1.86 13.16
N TYR B 304 -0.43 1.32 14.35
CA TYR B 304 0.44 1.59 15.49
C TYR B 304 1.87 1.17 15.17
N ALA B 305 2.05 -0.06 14.69
CA ALA B 305 3.39 -0.55 14.36
C ALA B 305 4.01 0.24 13.22
N GLU B 306 3.20 0.68 12.26
CA GLU B 306 3.72 1.49 11.16
C GLU B 306 4.24 2.83 11.67
N LEU B 307 3.48 3.47 12.57
CA LEU B 307 3.97 4.69 13.21
C LEU B 307 5.27 4.45 13.95
N VAL B 308 5.37 3.32 14.66
CA VAL B 308 6.60 2.97 15.37
C VAL B 308 7.76 2.88 14.39
N ALA B 309 7.55 2.20 13.27
CA ALA B 309 8.60 2.10 12.26
C ALA B 309 8.96 3.47 11.70
N ILE B 310 7.99 4.37 11.60
CA ILE B 310 8.26 5.70 11.07
C ILE B 310 9.17 6.49 12.01
N ILE B 311 8.85 6.49 13.30
CA ILE B 311 9.62 7.31 14.23
C ILE B 311 11.06 6.83 14.36
N GLY B 312 11.35 5.59 13.99
CA GLY B 312 12.69 5.05 14.09
C GLY B 312 13.35 4.80 12.76
N LYS C 3 -24.88 -22.39 29.97
CA LYS C 3 -24.92 -22.99 28.64
C LYS C 3 -24.46 -22.01 27.58
N GLN C 4 -25.34 -21.75 26.60
CA GLN C 4 -25.00 -20.85 25.51
C GLN C 4 -25.27 -19.39 25.87
N LYS C 5 -26.24 -19.13 26.75
CA LYS C 5 -26.54 -17.77 27.16
C LYS C 5 -25.36 -17.15 27.91
N GLU C 6 -24.60 -17.97 28.65
CA GLU C 6 -23.40 -17.46 29.32
C GLU C 6 -22.37 -17.00 28.30
N ALA C 7 -22.15 -17.79 27.25
CA ALA C 7 -21.25 -17.36 26.18
C ALA C 7 -21.76 -16.10 25.51
N ILE C 8 -23.09 -15.98 25.36
CA ILE C 8 -23.68 -14.79 24.75
C ILE C 8 -23.35 -13.55 25.59
N LYS C 9 -23.56 -13.63 26.91
CA LYS C 9 -23.31 -12.47 27.75
C LYS C 9 -21.83 -12.15 27.83
N VAL C 10 -20.97 -13.17 27.81
CA VAL C 10 -19.52 -12.93 27.79
C VAL C 10 -19.13 -12.22 26.50
N TYR C 11 -19.70 -12.64 25.36
CA TYR C 11 -19.40 -11.98 24.10
C TYR C 11 -19.89 -10.53 24.09
N LEU C 12 -21.05 -10.28 24.70
CA LEU C 12 -21.54 -8.91 24.79
C LEU C 12 -20.61 -8.02 25.62
N GLU C 13 -20.18 -8.54 26.78
CA GLU C 13 -19.22 -7.80 27.59
C GLU C 13 -17.95 -7.52 26.81
N LEU C 14 -17.45 -8.52 26.08
CA LEU C 14 -16.24 -8.33 25.28
C LEU C 14 -16.46 -7.27 24.20
N LEU C 15 -17.64 -7.26 23.57
CA LEU C 15 -17.93 -6.27 22.54
C LEU C 15 -17.90 -4.85 23.10
N GLU C 16 -18.54 -4.66 24.26
CA GLU C 16 -18.55 -3.33 24.88
C GLU C 16 -17.14 -2.90 25.27
N VAL C 17 -16.39 -3.81 25.90
CA VAL C 17 -15.02 -3.51 26.30
C VAL C 17 -14.18 -3.16 25.08
N HIS C 18 -14.40 -3.87 23.97
CA HIS C 18 -13.60 -3.63 22.77
C HIS C 18 -13.99 -2.32 22.09
N SER C 19 -15.24 -1.89 22.21
CA SER C 19 -15.61 -0.56 21.71
C SER C 19 -14.89 0.52 22.52
N ARG C 20 -14.87 0.38 23.84
CA ARG C 20 -14.10 1.33 24.66
C ARG C 20 -12.62 1.27 24.30
N VAL C 21 -12.12 0.08 24.00
CA VAL C 21 -10.73 -0.08 23.55
C VAL C 21 -10.50 0.69 22.25
N LEU C 22 -11.43 0.57 21.31
CA LEU C 22 -11.32 1.32 20.05
C LEU C 22 -11.19 2.81 20.31
N LYS C 23 -12.06 3.35 21.18
CA LYS C 23 -12.00 4.78 21.46
C LYS C 23 -10.66 5.16 22.09
N ALA C 24 -10.24 4.41 23.12
CA ALA C 24 -9.00 4.74 23.81
C ALA C 24 -7.80 4.63 22.87
N LEU C 25 -7.81 3.64 21.97
CA LEU C 25 -6.70 3.43 21.06
C LEU C 25 -6.64 4.53 20.01
N ILE C 26 -7.81 4.99 19.53
CA ILE C 26 -7.83 6.10 18.59
C ILE C 26 -7.27 7.35 19.25
N GLU C 27 -7.70 7.64 20.49
CA GLU C 27 -7.15 8.77 21.21
C GLU C 27 -5.64 8.65 21.38
N GLN C 28 -5.17 7.46 21.73
CA GLN C 28 -3.74 7.26 21.95
C GLN C 28 -2.93 7.49 20.68
N ILE C 29 -3.43 6.99 19.54
CA ILE C 29 -2.69 7.16 18.28
C ILE C 29 -2.70 8.63 17.87
N LYS C 30 -3.83 9.32 18.02
CA LYS C 30 -3.87 10.74 17.71
C LYS C 30 -2.87 11.52 18.55
N LEU C 31 -2.84 11.25 19.84
CA LEU C 31 -1.90 11.94 20.73
C LEU C 31 -0.46 11.59 20.40
N PHE C 32 -0.18 10.35 19.99
CA PHE C 32 1.18 9.99 19.63
C PHE C 32 1.63 10.71 18.36
N ILE C 33 0.74 10.82 17.37
CA ILE C 33 1.09 11.60 16.18
C ILE C 33 1.35 13.06 16.55
N GLU C 34 0.51 13.61 17.44
CA GLU C 34 0.71 14.99 17.87
C GLU C 34 2.04 15.16 18.59
N LEU C 35 2.44 14.17 19.39
CA LEU C 35 3.73 14.24 20.09
C LEU C 35 4.89 14.13 19.11
N ILE C 36 4.75 13.27 18.09
CA ILE C 36 5.80 13.15 17.09
C ILE C 36 5.99 14.48 16.37
N MET C 37 4.89 15.11 15.98
CA MET C 37 5.00 16.38 15.25
C MET C 37 5.47 17.51 16.16
N GLU C 38 5.06 17.48 17.42
CA GLU C 38 5.44 18.52 18.36
C GLU C 38 5.62 17.93 19.76
N PRO C 39 6.79 18.04 20.37
CA PRO C 39 7.02 17.45 21.69
C PRO C 39 6.53 18.39 22.80
N ASP C 40 5.60 17.92 23.61
CA ASP C 40 5.04 18.69 24.70
C ASP C 40 4.93 17.80 25.94
N GLU C 41 4.94 18.44 27.11
CA GLU C 41 4.84 17.71 28.37
C GLU C 41 3.39 17.38 28.71
N ASP C 42 2.47 18.34 28.49
CA ASP C 42 1.07 18.11 28.81
C ASP C 42 0.46 17.08 27.87
N LEU C 43 0.90 17.03 26.61
CA LEU C 43 0.49 15.96 25.71
C LEU C 43 0.93 14.61 26.26
N ALA C 44 2.14 14.53 26.81
CA ALA C 44 2.59 13.29 27.44
C ALA C 44 1.73 12.95 28.64
N ASP C 45 1.30 13.97 29.38
CA ASP C 45 0.42 13.74 30.54
C ASP C 45 -0.90 13.13 30.11
N LYS C 46 -1.51 13.67 29.05
CA LYS C 46 -2.78 13.11 28.61
C LYS C 46 -2.60 11.74 27.95
N VAL C 47 -1.43 11.47 27.36
CA VAL C 47 -1.15 10.12 26.89
C VAL C 47 -1.06 9.16 28.08
N ARG C 48 -0.45 9.60 29.18
CA ARG C 48 -0.43 8.78 30.38
C ARG C 48 -1.83 8.52 30.90
N LYS C 49 -2.71 9.54 30.81
CA LYS C 49 -4.10 9.34 31.20
C LYS C 49 -4.77 8.28 30.32
N SER C 50 -4.52 8.33 29.01
CA SER C 50 -5.06 7.31 28.11
C SER C 50 -4.53 5.93 28.47
N SER C 51 -3.26 5.84 28.85
CA SER C 51 -2.69 4.56 29.27
C SER C 51 -3.36 4.06 30.55
N GLU C 52 -3.68 4.97 31.47
CA GLU C 52 -4.41 4.56 32.67
C GLU C 52 -5.80 4.03 32.32
N GLU C 53 -6.47 4.67 31.37
CA GLU C 53 -7.76 4.16 30.91
C GLU C 53 -7.63 2.76 30.34
N LEU C 54 -6.58 2.54 29.54
CA LEU C 54 -6.36 1.22 28.96
C LEU C 54 -6.08 0.18 30.04
N LYS C 55 -5.34 0.57 31.09
CA LYS C 55 -5.09 -0.34 32.19
C LYS C 55 -6.38 -0.71 32.92
N LYS C 56 -7.27 0.26 33.12
CA LYS C 56 -8.57 -0.05 33.72
C LYS C 56 -9.36 -1.01 32.84
N ILE C 57 -9.27 -0.83 31.52
CA ILE C 57 -9.91 -1.77 30.60
C ILE C 57 -9.34 -3.18 30.78
N ILE C 58 -8.02 -3.28 30.91
CA ILE C 58 -7.39 -4.58 31.14
C ILE C 58 -7.90 -5.20 32.43
N LYS C 59 -8.07 -4.38 33.47
CA LYS C 59 -8.61 -4.90 34.73
C LYS C 59 -10.03 -5.44 34.56
N GLU C 60 -10.85 -4.73 33.77
CA GLU C 60 -12.20 -5.22 33.51
C GLU C 60 -12.17 -6.55 32.77
N VAL C 61 -11.27 -6.69 31.80
CA VAL C 61 -11.14 -7.96 31.08
C VAL C 61 -10.72 -9.07 32.05
N GLU C 62 -9.82 -8.75 32.98
CA GLU C 62 -9.41 -9.73 33.99
C GLU C 62 -10.58 -10.15 34.87
N LYS C 63 -11.46 -9.21 35.20
CA LYS C 63 -12.67 -9.56 35.97
C LYS C 63 -13.57 -10.51 35.18
N ILE C 64 -13.78 -10.22 33.90
CA ILE C 64 -14.57 -11.11 33.05
C ILE C 64 -13.95 -12.51 33.04
N LEU C 65 -12.62 -12.57 32.92
CA LEU C 65 -11.93 -13.86 32.88
C LEU C 65 -12.07 -14.62 34.18
N ARG C 66 -11.97 -13.93 35.32
CA ARG C 66 -12.10 -14.63 36.60
C ARG C 66 -13.53 -15.13 36.80
N LYS C 67 -14.53 -14.39 36.30
CA LYS C 67 -15.91 -14.87 36.38
C LYS C 67 -16.08 -16.15 35.55
N VAL C 68 -15.57 -16.13 34.31
CA VAL C 68 -15.69 -17.31 33.46
C VAL C 68 -14.93 -18.49 34.07
N ASP C 69 -13.79 -18.22 34.72
CA ASP C 69 -13.01 -19.28 35.35
C ASP C 69 -13.77 -19.89 36.53
N ASP C 70 -14.43 -19.05 37.33
CA ASP C 70 -15.24 -19.58 38.42
C ASP C 70 -16.37 -20.46 37.89
N ILE C 71 -17.02 -20.02 36.81
CA ILE C 71 -18.10 -20.82 36.23
C ILE C 71 -17.57 -22.15 35.70
N LEU C 72 -16.40 -22.14 35.06
CA LEU C 72 -15.82 -23.38 34.55
C LEU C 72 -15.44 -24.31 35.68
N GLU C 73 -14.88 -23.77 36.76
CA GLU C 73 -14.53 -24.60 37.92
C GLU C 73 -15.76 -25.20 38.57
N LYS C 74 -16.88 -24.47 38.60
CA LYS C 74 -18.11 -25.03 39.12
C LYS C 74 -18.67 -26.11 38.19
N VAL C 75 -18.50 -25.94 36.87
CA VAL C 75 -18.99 -26.94 35.93
C VAL C 75 -18.19 -28.23 36.05
N LYS C 76 -16.86 -28.12 36.15
CA LYS C 76 -16.01 -29.31 36.23
C LYS C 76 -16.24 -30.11 37.51
N SER C 77 -16.79 -29.49 38.55
CA SER C 77 -17.04 -30.18 39.81
C SER C 77 -18.22 -31.14 39.67
#